data_3IKC
#
_entry.id   3IKC
#
_cell.length_a   46.240
_cell.length_b   127.590
_cell.length_c   155.510
_cell.angle_alpha   90.000
_cell.angle_beta   90.000
_cell.angle_gamma   90.000
#
_symmetry.space_group_name_H-M   'P 21 21 21'
#
loop_
_entity.id
_entity.type
_entity.pdbx_description
1 polymer 'Immunoglobulin light chain (IGG3)'
2 polymer 'Immunoglobulin heavy chain (IGG3)'
3 branched '3-deoxy-alpha-D-manno-oct-2-ulopyranosonic acid-(2-8)-(1E)-prop-1-en-1-yl 3-deoxy-7-O-methyl-alpha-D-manno-oct-2-ulopyranosidonic acid'
4 non-polymer 'MAGNESIUM ION'
5 water water
#
loop_
_entity_poly.entity_id
_entity_poly.type
_entity_poly.pdbx_seq_one_letter_code
_entity_poly.pdbx_strand_id
1 'polypeptide(L)'
;DIVMTQSPSSLAVSAGEKVTMSCKSSQSLLNSRTRKNYLAWYQQKPGQSPKLLIYWASTRESGVPDRFTGSGSGTDFTLT
ISSVQAEDLAVYYCKQSNNLRTFGGGTKLEIKRADAAPTVSIFPPSSEQLTSGGASVVCFLNNFYPKDINVKWKIDGSER
QNGVLNSWTDQDSKDSTYSMSSTLTLTKDEYERHNSYTCEATHKTSTSPIVKSFNRNE
;
A,C
2 'polypeptide(L)'
;EVMLVESGGGLVQPGNSLRLSCATSGFTFTDYYMSWVRQPPGKALEWLGFIRNKAKGYTTEYSASVKGRFTISRDNSQSI
LYLQMNTLRAEDSATYYCARDISPSYGVYYEGFAYWGQGTLVTVSAATTTAPSVYPLVPGCSDTSGSSVTLGCLVKGYFP
EPVTVKWNYGALSSGVRTVSSVLQSGFYSLSSLVTVPSSTWPSQTVICNVAHPASKTELIKRIEPR
;
B,D
#
loop_
_chem_comp.id
_chem_comp.type
_chem_comp.name
_chem_comp.formula
KDO D-saccharide, alpha linking '3-deoxy-alpha-D-manno-oct-2-ulopyranosonic acid' 'C8 H14 O8'
KME D-saccharide '(1E)-prop-1-en-1-yl 3-deoxy-7-O-methyl-alpha-D-manno-oct-2-ulopyranosidonic acid' 'C12 H20 O8'
MG non-polymer 'MAGNESIUM ION' 'Mg 2'
#
# COMPACT_ATOMS: atom_id res chain seq x y z
N ILE A 2 22.28 -12.79 -39.37
CA ILE A 2 21.82 -14.17 -39.41
C ILE A 2 20.37 -14.27 -38.96
N VAL A 3 19.58 -15.05 -39.69
CA VAL A 3 18.18 -15.22 -39.37
C VAL A 3 17.90 -16.60 -38.78
N MET A 4 17.26 -16.61 -37.63
CA MET A 4 16.93 -17.86 -36.95
C MET A 4 15.45 -18.14 -37.09
N THR A 5 15.12 -19.37 -37.50
CA THR A 5 13.73 -19.75 -37.68
C THR A 5 13.46 -21.04 -36.92
N GLN A 6 12.45 -21.02 -36.05
CA GLN A 6 12.08 -22.20 -35.27
C GLN A 6 10.78 -22.83 -35.77
N SER A 7 10.55 -24.07 -35.37
CA SER A 7 9.39 -24.84 -35.83
C SER A 7 9.23 -26.08 -34.96
N PRO A 8 7.98 -26.38 -34.54
CA PRO A 8 6.74 -25.66 -34.78
C PRO A 8 6.56 -24.53 -33.78
N SER A 9 5.63 -23.62 -34.06
CA SER A 9 5.40 -22.49 -33.17
C SER A 9 4.87 -22.98 -31.84
N SER A 10 4.08 -24.03 -31.90
CA SER A 10 3.58 -24.68 -30.70
C SER A 10 3.16 -26.11 -31.01
N LEU A 11 3.26 -26.98 -30.01
CA LEU A 11 2.71 -28.32 -30.16
C LEU A 11 2.33 -28.86 -28.79
N ALA A 12 1.42 -29.83 -28.79
CA ALA A 12 0.97 -30.45 -27.55
C ALA A 12 1.13 -31.96 -27.63
N VAL A 13 1.82 -32.53 -26.64
CA VAL A 13 1.91 -33.98 -26.54
C VAL A 13 1.63 -34.40 -25.10
N SER A 14 1.32 -35.68 -24.91
CA SER A 14 1.04 -36.21 -23.58
C SER A 14 2.32 -36.52 -22.83
N ALA A 15 2.22 -36.55 -21.50
CA ALA A 15 3.36 -36.91 -20.67
C ALA A 15 3.84 -38.29 -21.11
N GLY A 16 5.15 -38.43 -21.26
CA GLY A 16 5.72 -39.72 -21.63
C GLY A 16 6.03 -39.83 -23.11
N GLU A 17 5.42 -38.94 -23.91
CA GLU A 17 5.67 -38.94 -25.35
C GLU A 17 6.98 -38.25 -25.73
N LYS A 18 7.43 -38.53 -26.94
CA LYS A 18 8.67 -37.95 -27.44
C LYS A 18 8.35 -36.69 -28.25
N VAL A 19 9.29 -35.75 -28.26
CA VAL A 19 9.10 -34.53 -29.02
C VAL A 19 10.38 -34.06 -29.72
N THR A 20 10.19 -33.46 -30.90
CA THR A 20 11.29 -32.91 -31.70
C THR A 20 10.99 -31.46 -32.09
N MET A 21 11.94 -30.56 -31.86
CA MET A 21 11.76 -29.16 -32.25
C MET A 21 12.86 -28.72 -33.21
N SER A 22 12.46 -28.01 -34.27
CA SER A 22 13.41 -27.59 -35.28
C SER A 22 13.91 -26.16 -35.09
N CYS A 23 15.17 -25.97 -35.44
CA CYS A 23 15.77 -24.64 -35.47
C CYS A 23 16.65 -24.51 -36.70
N LYS A 24 16.39 -23.50 -37.52
CA LYS A 24 17.17 -23.29 -38.74
C LYS A 24 17.76 -21.88 -38.82
N SER A 25 18.99 -21.80 -39.33
CA SER A 25 19.67 -20.52 -39.46
C SER A 25 20.00 -20.22 -40.92
N SER A 26 19.98 -18.94 -41.28
CA SER A 26 20.24 -18.54 -42.65
C SER A 26 21.69 -18.78 -43.09
N GLN A 27 22.59 -18.94 -42.13
CA GLN A 27 23.97 -19.28 -42.44
C GLN A 27 24.47 -20.36 -41.50
N SER A 28 25.44 -21.15 -41.95
CA SER A 28 26.05 -22.16 -41.11
C SER A 28 26.49 -21.54 -39.79
N LEU A 29 26.31 -22.29 -38.71
CA LEU A 29 26.74 -21.84 -37.39
C LEU A 29 28.03 -22.55 -37.00
N LEU A 30 28.55 -23.34 -37.92
CA LEU A 30 29.82 -24.01 -37.73
C LEU A 30 30.96 -23.01 -37.83
N ASN A 31 31.70 -22.88 -36.73
CA ASN A 31 32.89 -22.05 -36.70
C ASN A 31 34.11 -22.89 -37.08
N SER A 32 34.74 -22.55 -38.19
CA SER A 32 35.86 -23.34 -38.73
C SER A 32 37.09 -23.33 -37.81
N ARG A 33 37.25 -22.27 -37.04
CA ARG A 33 38.37 -22.17 -36.11
C ARG A 33 38.21 -23.09 -34.90
N THR A 34 37.10 -22.94 -34.19
CA THR A 34 36.85 -23.76 -33.01
C THR A 34 36.26 -25.14 -33.35
N ARG A 35 35.75 -25.28 -34.57
CA ARG A 35 35.16 -26.54 -35.03
C ARG A 35 33.92 -26.94 -34.25
N LYS A 36 33.21 -25.96 -33.72
CA LYS A 36 31.98 -26.22 -32.99
C LYS A 36 30.83 -25.42 -33.61
N ASN A 37 29.62 -25.93 -33.46
CA ASN A 37 28.43 -25.19 -33.90
C ASN A 37 27.95 -24.30 -32.75
N TYR A 38 27.80 -23.02 -33.04
CA TYR A 38 27.45 -22.03 -32.01
C TYR A 38 25.93 -21.87 -31.89
N LEU A 39 25.25 -22.93 -31.49
CA LEU A 39 23.80 -22.87 -31.31
C LEU A 39 23.41 -23.33 -29.92
N ALA A 40 22.53 -22.58 -29.27
CA ALA A 40 22.13 -22.94 -27.92
C ALA A 40 20.61 -23.08 -27.84
N TRP A 41 20.16 -23.88 -26.88
CA TRP A 41 18.74 -24.02 -26.57
C TRP A 41 18.43 -23.51 -25.18
N TYR A 42 17.44 -22.63 -25.08
CA TYR A 42 17.01 -22.11 -23.79
C TYR A 42 15.57 -22.50 -23.47
N GLN A 43 15.29 -22.67 -22.18
CA GLN A 43 13.94 -23.01 -21.73
C GLN A 43 13.39 -21.84 -20.94
N GLN A 44 12.20 -21.37 -21.29
CA GLN A 44 11.59 -20.29 -20.54
C GLN A 44 10.17 -20.65 -20.07
N LYS A 45 10.05 -20.94 -18.79
CA LYS A 45 8.76 -21.20 -18.19
C LYS A 45 8.04 -19.89 -17.91
N PRO A 46 6.70 -19.92 -17.91
CA PRO A 46 5.90 -18.70 -17.73
C PRO A 46 6.37 -17.87 -16.52
N GLY A 47 6.39 -16.55 -16.66
CA GLY A 47 6.80 -15.68 -15.57
C GLY A 47 8.23 -15.89 -15.09
N GLN A 48 9.02 -16.62 -15.85
CA GLN A 48 10.39 -16.90 -15.46
C GLN A 48 11.40 -16.47 -16.52
N SER A 49 12.66 -16.37 -16.12
CA SER A 49 13.74 -16.04 -17.04
C SER A 49 14.13 -17.30 -17.81
N PRO A 50 14.72 -17.11 -19.00
CA PRO A 50 15.19 -18.24 -19.80
C PRO A 50 16.36 -18.94 -19.12
N LYS A 51 16.42 -20.25 -19.27
CA LYS A 51 17.51 -21.03 -18.68
C LYS A 51 18.18 -21.89 -19.75
N LEU A 52 19.50 -21.92 -19.72
CA LEU A 52 20.29 -22.64 -20.73
C LEU A 52 20.17 -24.16 -20.59
N LEU A 53 19.95 -24.84 -21.72
CA LEU A 53 19.86 -26.31 -21.72
C LEU A 53 21.02 -26.95 -22.46
N ILE A 54 21.13 -26.62 -23.74
CA ILE A 54 22.16 -27.17 -24.61
C ILE A 54 22.98 -26.03 -25.18
N TYR A 55 24.29 -26.18 -25.19
CA TYR A 55 25.17 -25.22 -25.86
C TYR A 55 26.12 -25.98 -26.77
N TRP A 56 26.65 -25.30 -27.77
CA TRP A 56 27.46 -25.95 -28.80
C TRP A 56 26.67 -27.09 -29.46
N ALA A 57 25.37 -26.84 -29.64
CA ALA A 57 24.51 -27.75 -30.38
C ALA A 57 24.12 -29.03 -29.64
N SER A 58 25.06 -29.64 -28.92
CA SER A 58 24.81 -30.98 -28.39
C SER A 58 25.30 -31.19 -26.97
N THR A 59 25.93 -30.18 -26.39
CA THR A 59 26.42 -30.30 -25.03
C THR A 59 25.37 -29.83 -24.02
N ARG A 60 25.02 -30.73 -23.12
CA ARG A 60 24.01 -30.45 -22.11
C ARG A 60 24.64 -29.67 -20.95
N GLU A 61 23.94 -28.63 -20.49
CA GLU A 61 24.42 -27.79 -19.40
C GLU A 61 24.30 -28.47 -18.05
N SER A 62 25.18 -28.09 -17.12
CA SER A 62 25.16 -28.62 -15.77
C SER A 62 23.73 -28.64 -15.24
N GLY A 63 23.28 -29.81 -14.81
CA GLY A 63 21.99 -29.93 -14.16
C GLY A 63 20.85 -30.46 -15.02
N VAL A 64 20.93 -30.21 -16.32
CA VAL A 64 19.85 -30.61 -17.23
C VAL A 64 19.82 -32.13 -17.38
N PRO A 65 18.63 -32.72 -17.35
CA PRO A 65 18.50 -34.19 -17.43
C PRO A 65 18.77 -34.80 -18.82
N ASP A 66 19.17 -36.07 -18.82
CA ASP A 66 19.30 -36.90 -20.01
C ASP A 66 18.22 -36.66 -21.05
N ARG A 67 17.01 -36.39 -20.57
CA ARG A 67 15.82 -36.35 -21.42
C ARG A 67 15.95 -35.36 -22.59
N PHE A 68 16.80 -34.36 -22.43
CA PHE A 68 17.01 -33.36 -23.47
C PHE A 68 18.26 -33.67 -24.25
N THR A 69 18.13 -33.70 -25.57
CA THR A 69 19.26 -33.93 -26.45
C THR A 69 19.25 -32.96 -27.62
N GLY A 70 20.38 -32.31 -27.84
CA GLY A 70 20.56 -31.39 -28.95
C GLY A 70 21.38 -32.00 -30.07
N SER A 71 20.85 -31.94 -31.29
CA SER A 71 21.56 -32.49 -32.44
C SER A 71 21.65 -31.46 -33.55
N GLY A 72 22.33 -31.82 -34.63
CA GLY A 72 22.40 -30.97 -35.80
C GLY A 72 23.76 -30.36 -36.04
N SER A 73 23.95 -29.84 -37.24
CA SER A 73 25.19 -29.21 -37.61
C SER A 73 24.94 -28.29 -38.80
N GLY A 74 25.69 -27.20 -38.89
CA GLY A 74 25.55 -26.29 -40.01
C GLY A 74 24.42 -25.30 -39.84
N THR A 75 23.30 -25.57 -40.51
CA THR A 75 22.15 -24.66 -40.49
C THR A 75 20.88 -25.37 -40.02
N ASP A 76 20.98 -26.65 -39.70
CA ASP A 76 19.82 -27.43 -39.29
C ASP A 76 20.01 -28.09 -37.93
N PHE A 77 19.25 -27.63 -36.94
CA PHE A 77 19.38 -28.15 -35.59
C PHE A 77 18.07 -28.64 -34.99
N THR A 78 18.19 -29.47 -33.95
CA THR A 78 17.03 -30.09 -33.32
C THR A 78 17.19 -30.25 -31.82
N LEU A 79 16.12 -29.96 -31.10
CA LEU A 79 16.04 -30.28 -29.67
C LEU A 79 15.04 -31.42 -29.47
N THR A 80 15.48 -32.46 -28.78
CA THR A 80 14.64 -33.64 -28.56
C THR A 80 14.38 -33.83 -27.09
N ILE A 81 13.14 -34.18 -26.74
CA ILE A 81 12.83 -34.56 -25.37
C ILE A 81 12.37 -36.01 -25.38
N SER A 82 13.23 -36.89 -24.89
CA SER A 82 13.01 -38.33 -24.95
C SER A 82 11.64 -38.71 -24.41
N SER A 83 11.22 -37.99 -23.39
CA SER A 83 9.97 -38.29 -22.71
C SER A 83 9.55 -37.03 -21.95
N VAL A 84 8.47 -36.40 -22.38
CA VAL A 84 8.10 -35.12 -21.79
C VAL A 84 7.35 -35.28 -20.47
N GLN A 85 7.61 -34.36 -19.55
CA GLN A 85 6.97 -34.37 -18.24
C GLN A 85 6.31 -33.03 -17.92
N ALA A 86 5.70 -32.97 -16.74
CA ALA A 86 4.90 -31.82 -16.35
C ALA A 86 5.71 -30.55 -16.22
N GLU A 87 7.00 -30.71 -15.90
CA GLU A 87 7.88 -29.57 -15.73
C GLU A 87 8.19 -28.86 -17.03
N ASP A 88 7.98 -29.54 -18.15
CA ASP A 88 8.50 -29.08 -19.45
C ASP A 88 7.69 -27.95 -20.07
N LEU A 89 6.50 -27.67 -19.54
CA LEU A 89 5.71 -26.54 -20.02
C LEU A 89 6.59 -25.30 -20.12
N ALA A 90 6.83 -24.86 -21.34
CA ALA A 90 7.73 -23.75 -21.61
C ALA A 90 7.79 -23.43 -23.09
N VAL A 91 8.30 -22.25 -23.41
CA VAL A 91 8.70 -21.95 -24.77
C VAL A 91 10.19 -22.27 -24.87
N TYR A 92 10.57 -22.92 -25.96
CA TYR A 92 11.96 -23.26 -26.18
C TYR A 92 12.56 -22.41 -27.29
N TYR A 93 13.65 -21.72 -26.97
CA TYR A 93 14.30 -20.82 -27.90
C TYR A 93 15.67 -21.33 -28.32
N CYS A 94 15.98 -21.20 -29.61
CA CYS A 94 17.32 -21.50 -30.09
C CYS A 94 18.06 -20.19 -30.31
N LYS A 95 19.37 -20.21 -30.13
CA LYS A 95 20.15 -18.98 -30.26
C LYS A 95 21.50 -19.24 -30.90
N GLN A 96 21.73 -18.59 -32.04
CA GLN A 96 23.04 -18.62 -32.69
C GLN A 96 23.92 -17.58 -32.03
N SER A 97 25.21 -17.92 -31.91
CA SER A 97 26.17 -16.99 -31.34
C SER A 97 27.46 -16.96 -32.17
N ASN A 98 27.36 -17.41 -33.41
CA ASN A 98 28.52 -17.44 -34.30
C ASN A 98 28.87 -16.05 -34.81
N ASN A 99 27.85 -15.24 -35.04
CA ASN A 99 28.01 -13.85 -35.44
C ASN A 99 27.08 -12.99 -34.60
N LEU A 100 27.62 -12.41 -33.53
CA LEU A 100 26.80 -11.76 -32.51
C LEU A 100 25.86 -12.84 -31.96
N ARG A 101 24.61 -12.48 -31.68
CA ARG A 101 23.63 -13.45 -31.21
C ARG A 101 22.24 -13.20 -31.79
N THR A 102 21.56 -14.28 -32.20
CA THR A 102 20.19 -14.19 -32.71
C THR A 102 19.30 -15.32 -32.21
N PHE A 103 18.17 -14.94 -31.62
CA PHE A 103 17.20 -15.92 -31.11
C PHE A 103 16.22 -16.29 -32.19
N GLY A 104 15.75 -17.54 -32.13
CA GLY A 104 14.71 -18.02 -33.01
C GLY A 104 13.39 -17.50 -32.47
N GLY A 105 12.30 -17.81 -33.15
CA GLY A 105 10.98 -17.34 -32.72
C GLY A 105 10.37 -18.10 -31.55
N GLY A 106 10.83 -19.33 -31.32
CA GLY A 106 10.39 -20.13 -30.19
C GLY A 106 9.43 -21.26 -30.50
N THR A 107 9.51 -22.32 -29.70
CA THR A 107 8.50 -23.37 -29.73
C THR A 107 7.90 -23.48 -28.33
N LYS A 108 6.59 -23.35 -28.25
CA LYS A 108 5.88 -23.50 -26.99
C LYS A 108 5.49 -24.96 -26.81
N LEU A 109 5.86 -25.55 -25.68
CA LEU A 109 5.53 -26.95 -25.40
C LEU A 109 4.34 -27.06 -24.47
N GLU A 110 3.26 -27.68 -24.95
CA GLU A 110 2.07 -27.89 -24.14
C GLU A 110 1.82 -29.38 -23.90
N ILE A 111 1.04 -29.69 -22.87
CA ILE A 111 0.77 -31.09 -22.53
C ILE A 111 -0.69 -31.51 -22.73
N LYS A 112 -0.91 -32.53 -23.54
CA LYS A 112 -2.23 -33.16 -23.61
C LYS A 112 -2.43 -34.04 -22.37
N ARG A 113 -3.65 -34.05 -21.87
CA ARG A 113 -3.97 -34.86 -20.69
C ARG A 113 -5.45 -35.23 -20.65
N ALA A 114 -5.82 -36.07 -19.69
CA ALA A 114 -7.20 -36.52 -19.56
C ALA A 114 -8.09 -35.32 -19.30
N ASP A 115 -9.28 -35.34 -19.91
CA ASP A 115 -10.28 -34.33 -19.63
C ASP A 115 -10.59 -34.32 -18.13
N ALA A 116 -10.80 -33.13 -17.60
CA ALA A 116 -11.20 -32.95 -16.20
C ALA A 116 -12.21 -31.80 -16.09
N ALA A 117 -13.16 -31.94 -15.19
CA ALA A 117 -14.21 -30.95 -15.06
C ALA A 117 -13.77 -29.90 -14.05
N PRO A 118 -14.23 -28.67 -14.22
CA PRO A 118 -13.80 -27.58 -13.34
C PRO A 118 -14.53 -27.65 -12.03
N THR A 119 -13.92 -27.16 -10.97
CA THR A 119 -14.64 -26.88 -9.75
C THR A 119 -15.00 -25.41 -9.81
N VAL A 120 -16.29 -25.12 -9.78
CA VAL A 120 -16.78 -23.77 -10.03
C VAL A 120 -17.20 -23.06 -8.74
N SER A 121 -16.67 -21.85 -8.55
CA SER A 121 -17.03 -21.03 -7.39
C SER A 121 -17.53 -19.68 -7.86
N ILE A 122 -18.38 -19.06 -7.05
CA ILE A 122 -18.87 -17.72 -7.34
C ILE A 122 -18.59 -16.82 -6.14
N PHE A 123 -18.28 -15.56 -6.40
CA PHE A 123 -17.94 -14.64 -5.32
C PHE A 123 -18.71 -13.34 -5.44
N PRO A 124 -19.50 -13.01 -4.42
CA PRO A 124 -20.16 -11.70 -4.40
C PRO A 124 -19.13 -10.60 -4.21
N PRO A 125 -19.49 -9.35 -4.57
CA PRO A 125 -18.62 -8.20 -4.36
C PRO A 125 -18.18 -8.05 -2.90
N SER A 126 -17.07 -7.36 -2.69
CA SER A 126 -16.60 -7.06 -1.34
C SER A 126 -17.20 -5.73 -0.88
N SER A 127 -17.36 -5.59 0.42
CA SER A 127 -17.92 -4.36 0.97
C SER A 127 -17.01 -3.17 0.65
N GLU A 128 -15.70 -3.36 0.72
CA GLU A 128 -14.76 -2.27 0.43
C GLU A 128 -14.81 -1.82 -1.02
N GLN A 129 -15.14 -2.72 -1.94
CA GLN A 129 -15.33 -2.32 -3.33
C GLN A 129 -16.68 -1.64 -3.51
N LEU A 130 -17.71 -2.18 -2.85
CA LEU A 130 -19.03 -1.57 -2.87
C LEU A 130 -18.98 -0.18 -2.25
N THR A 131 -18.28 -0.07 -1.13
CA THR A 131 -18.02 1.20 -0.47
C THR A 131 -17.54 2.26 -1.46
N SER A 132 -16.67 1.85 -2.38
CA SER A 132 -16.12 2.77 -3.39
C SER A 132 -17.05 2.92 -4.60
N GLY A 133 -18.18 2.22 -4.59
CA GLY A 133 -19.15 2.34 -5.67
C GLY A 133 -18.87 1.42 -6.84
N GLY A 134 -18.19 0.32 -6.56
CA GLY A 134 -17.88 -0.66 -7.57
C GLY A 134 -18.42 -2.02 -7.16
N ALA A 135 -18.81 -2.82 -8.15
CA ALA A 135 -19.35 -4.15 -7.88
C ALA A 135 -18.83 -5.17 -8.88
N SER A 136 -17.83 -5.94 -8.46
CA SER A 136 -17.33 -7.03 -9.28
C SER A 136 -17.81 -8.39 -8.76
N VAL A 137 -18.52 -9.11 -9.61
CA VAL A 137 -18.91 -10.48 -9.31
C VAL A 137 -17.93 -11.41 -10.02
N VAL A 138 -17.43 -12.41 -9.30
CA VAL A 138 -16.43 -13.30 -9.89
C VAL A 138 -16.76 -14.79 -9.83
N CYS A 139 -16.82 -15.39 -11.01
CA CYS A 139 -16.99 -16.83 -11.16
C CYS A 139 -15.62 -17.44 -11.39
N PHE A 140 -15.21 -18.36 -10.53
CA PHE A 140 -13.91 -19.01 -10.70
C PHE A 140 -14.03 -20.47 -11.10
N LEU A 141 -13.43 -20.82 -12.24
CA LEU A 141 -13.37 -22.19 -12.73
C LEU A 141 -11.95 -22.72 -12.54
N ASN A 142 -11.81 -23.83 -11.82
CA ASN A 142 -10.51 -24.27 -11.32
C ASN A 142 -10.14 -25.69 -11.73
N ASN A 143 -8.97 -25.85 -12.32
CA ASN A 143 -8.40 -27.18 -12.56
C ASN A 143 -9.18 -28.05 -13.54
N PHE A 144 -9.45 -27.50 -14.72
CA PHE A 144 -10.16 -28.22 -15.77
C PHE A 144 -9.28 -28.44 -16.99
N TYR A 145 -9.74 -29.28 -17.90
CA TYR A 145 -9.08 -29.53 -19.16
C TYR A 145 -10.06 -30.20 -20.10
N PRO A 146 -10.03 -29.82 -21.39
CA PRO A 146 -9.10 -28.87 -22.01
C PRO A 146 -9.46 -27.40 -21.74
N LYS A 147 -8.74 -26.51 -22.42
CA LYS A 147 -8.77 -25.08 -22.15
C LYS A 147 -10.08 -24.37 -22.53
N ASP A 148 -10.57 -24.62 -23.75
CA ASP A 148 -11.83 -24.03 -24.16
C ASP A 148 -12.94 -24.34 -23.17
N ILE A 149 -13.58 -23.29 -22.67
CA ILE A 149 -14.67 -23.42 -21.72
C ILE A 149 -15.53 -22.16 -21.75
N ASN A 150 -16.79 -22.29 -21.37
CA ASN A 150 -17.73 -21.19 -21.53
C ASN A 150 -18.54 -20.86 -20.28
N VAL A 151 -18.64 -19.57 -19.97
CA VAL A 151 -19.45 -19.14 -18.84
C VAL A 151 -20.52 -18.17 -19.31
N LYS A 152 -21.77 -18.51 -18.99
CA LYS A 152 -22.89 -17.61 -19.19
C LYS A 152 -23.30 -16.97 -17.87
N TRP A 153 -23.49 -15.66 -17.88
CA TRP A 153 -23.93 -14.95 -16.68
C TRP A 153 -25.42 -14.65 -16.73
N LYS A 154 -26.14 -14.95 -15.65
CA LYS A 154 -27.56 -14.66 -15.55
C LYS A 154 -27.87 -13.77 -14.34
N ILE A 155 -28.52 -12.64 -14.58
CA ILE A 155 -28.96 -11.76 -13.52
C ILE A 155 -30.47 -11.78 -13.50
N ASP A 156 -31.04 -12.22 -12.38
CA ASP A 156 -32.49 -12.32 -12.25
C ASP A 156 -33.05 -13.10 -13.45
N GLY A 157 -32.39 -14.21 -13.77
CA GLY A 157 -32.83 -15.07 -14.85
C GLY A 157 -32.46 -14.64 -16.25
N SER A 158 -32.00 -13.40 -16.39
CA SER A 158 -31.65 -12.86 -17.71
C SER A 158 -30.14 -12.90 -18.00
N GLU A 159 -29.79 -13.33 -19.20
CA GLU A 159 -28.40 -13.45 -19.61
C GLU A 159 -27.72 -12.09 -19.80
N ARG A 160 -26.59 -11.91 -19.12
CA ARG A 160 -25.84 -10.66 -19.18
C ARG A 160 -24.56 -10.90 -19.97
N GLN A 161 -24.26 -10.01 -20.91
CA GLN A 161 -23.07 -10.18 -21.75
C GLN A 161 -22.11 -8.99 -21.63
N ASN A 162 -22.63 -7.85 -21.18
CA ASN A 162 -21.82 -6.64 -21.09
C ASN A 162 -21.18 -6.46 -19.71
N GLY A 163 -19.89 -6.14 -19.70
CA GLY A 163 -19.16 -5.93 -18.46
C GLY A 163 -18.51 -7.20 -17.96
N VAL A 164 -18.32 -8.14 -18.88
CA VAL A 164 -17.74 -9.44 -18.54
C VAL A 164 -16.34 -9.62 -19.10
N LEU A 165 -15.38 -9.94 -18.24
CA LEU A 165 -14.00 -10.18 -18.66
C LEU A 165 -13.53 -11.58 -18.32
N ASN A 166 -12.78 -12.19 -19.23
CA ASN A 166 -12.33 -13.57 -19.04
C ASN A 166 -10.81 -13.72 -19.13
N SER A 167 -10.25 -14.46 -18.18
CA SER A 167 -8.82 -14.69 -18.12
C SER A 167 -8.45 -16.10 -17.64
N TRP A 168 -7.48 -16.71 -18.33
CA TRP A 168 -7.03 -18.05 -17.99
C TRP A 168 -5.70 -18.00 -17.26
N THR A 169 -5.31 -19.13 -16.66
CA THR A 169 -3.98 -19.27 -16.11
C THR A 169 -3.13 -19.92 -17.20
N ASP A 170 -1.83 -20.03 -16.97
CA ASP A 170 -1.00 -20.88 -17.81
C ASP A 170 -1.28 -22.33 -17.40
N GLN A 171 -1.13 -23.25 -18.34
CA GLN A 171 -1.26 -24.67 -18.00
C GLN A 171 -0.43 -24.93 -16.74
N ASP A 172 -1.00 -25.64 -15.78
CA ASP A 172 -0.33 -25.88 -14.50
C ASP A 172 0.88 -26.79 -14.62
N SER A 173 1.91 -26.50 -13.82
CA SER A 173 3.20 -27.19 -13.91
C SER A 173 3.18 -28.53 -13.21
N LYS A 174 2.09 -28.82 -12.50
CA LYS A 174 2.02 -30.04 -11.73
C LYS A 174 1.02 -31.05 -12.30
N ASP A 175 -0.18 -30.57 -12.64
CA ASP A 175 -1.21 -31.46 -13.16
C ASP A 175 -1.66 -31.10 -14.58
N SER A 176 -1.03 -30.09 -15.16
CA SER A 176 -1.26 -29.74 -16.55
C SER A 176 -2.68 -29.24 -16.83
N THR A 177 -3.37 -28.74 -15.81
CA THR A 177 -4.73 -28.25 -16.01
C THR A 177 -4.80 -26.74 -16.17
N TYR A 178 -6.01 -26.24 -16.42
CA TYR A 178 -6.25 -24.81 -16.51
C TYR A 178 -7.25 -24.36 -15.45
N SER A 179 -7.24 -23.06 -15.19
CA SER A 179 -8.28 -22.43 -14.40
C SER A 179 -8.55 -21.10 -15.08
N MET A 180 -9.74 -20.56 -14.83
CA MET A 180 -10.05 -19.26 -15.41
C MET A 180 -11.03 -18.52 -14.52
N SER A 181 -10.94 -17.21 -14.54
CA SER A 181 -11.90 -16.38 -13.84
C SER A 181 -12.75 -15.67 -14.86
N SER A 182 -14.05 -15.57 -14.56
CA SER A 182 -14.94 -14.71 -15.33
C SER A 182 -15.48 -13.66 -14.37
N THR A 183 -15.28 -12.39 -14.73
CA THR A 183 -15.72 -11.30 -13.87
C THR A 183 -16.77 -10.43 -14.55
N LEU A 184 -17.88 -10.25 -13.85
CA LEU A 184 -18.89 -9.28 -14.23
C LEU A 184 -18.67 -8.04 -13.37
N THR A 185 -18.52 -6.88 -14.00
CA THR A 185 -18.24 -5.66 -13.25
C THR A 185 -19.33 -4.62 -13.42
N LEU A 186 -20.03 -4.33 -12.34
CA LEU A 186 -21.10 -3.34 -12.37
C LEU A 186 -20.80 -2.22 -11.39
N THR A 187 -21.62 -1.18 -11.45
CA THR A 187 -21.58 -0.12 -10.45
C THR A 187 -22.38 -0.60 -9.26
N LYS A 188 -22.07 -0.07 -8.07
CA LYS A 188 -22.80 -0.46 -6.87
C LYS A 188 -24.30 -0.32 -7.08
N ASP A 189 -24.69 0.54 -8.01
CA ASP A 189 -26.10 0.85 -8.23
C ASP A 189 -26.78 -0.16 -9.14
N GLU A 190 -26.07 -0.61 -10.19
CA GLU A 190 -26.58 -1.68 -11.05
C GLU A 190 -26.83 -2.92 -10.23
N TYR A 191 -25.85 -3.23 -9.37
CA TYR A 191 -25.86 -4.44 -8.56
C TYR A 191 -27.02 -4.46 -7.57
N GLU A 192 -27.24 -3.35 -6.87
CA GLU A 192 -28.31 -3.26 -5.89
C GLU A 192 -29.68 -3.17 -6.55
N ARG A 193 -29.71 -3.29 -7.87
CA ARG A 193 -30.96 -3.26 -8.63
C ARG A 193 -31.48 -4.66 -8.92
N HIS A 194 -30.69 -5.66 -8.55
CA HIS A 194 -31.05 -7.05 -8.82
C HIS A 194 -30.68 -7.93 -7.62
N ASN A 195 -31.14 -9.18 -7.65
CA ASN A 195 -30.92 -10.07 -6.51
C ASN A 195 -30.17 -11.35 -6.85
N SER A 196 -30.64 -12.05 -7.88
CA SER A 196 -30.05 -13.33 -8.26
C SER A 196 -28.84 -13.16 -9.15
N TYR A 197 -27.71 -13.70 -8.73
CA TYR A 197 -26.51 -13.69 -9.55
C TYR A 197 -26.02 -15.10 -9.84
N THR A 198 -26.11 -15.48 -11.11
CA THR A 198 -25.84 -16.84 -11.54
C THR A 198 -24.77 -16.87 -12.64
N CYS A 199 -23.81 -17.78 -12.49
CA CYS A 199 -22.89 -18.07 -13.58
C CYS A 199 -22.93 -19.55 -13.91
N GLU A 200 -23.06 -19.85 -15.20
CA GLU A 200 -23.15 -21.22 -15.66
C GLU A 200 -21.93 -21.57 -16.48
N ALA A 201 -21.26 -22.66 -16.10
CA ALA A 201 -20.04 -23.07 -16.78
C ALA A 201 -20.29 -24.27 -17.69
N THR A 202 -19.99 -24.09 -18.98
CA THR A 202 -20.15 -25.13 -19.98
C THR A 202 -18.80 -25.68 -20.43
N HIS A 203 -18.65 -27.01 -20.39
CA HIS A 203 -17.39 -27.66 -20.71
C HIS A 203 -17.68 -29.00 -21.38
N LYS A 204 -16.71 -29.54 -22.12
CA LYS A 204 -16.94 -30.76 -22.87
C LYS A 204 -17.17 -31.94 -21.94
N THR A 205 -16.84 -31.74 -20.66
CA THR A 205 -16.94 -32.81 -19.68
C THR A 205 -18.39 -33.11 -19.30
N SER A 206 -19.32 -32.43 -19.95
CA SER A 206 -20.75 -32.60 -19.65
C SER A 206 -21.64 -31.80 -20.59
N THR A 207 -22.86 -32.28 -20.79
CA THR A 207 -23.86 -31.58 -21.59
C THR A 207 -24.42 -30.49 -20.72
N SER A 208 -24.66 -30.84 -19.46
CA SER A 208 -25.26 -29.94 -18.51
C SER A 208 -24.22 -29.04 -17.87
N PRO A 209 -24.45 -27.72 -17.92
CA PRO A 209 -23.58 -26.69 -17.35
C PRO A 209 -23.52 -26.79 -15.84
N ILE A 210 -22.40 -26.41 -15.25
CA ILE A 210 -22.31 -26.32 -13.80
C ILE A 210 -22.81 -24.94 -13.40
N VAL A 211 -23.76 -24.90 -12.48
CA VAL A 211 -24.41 -23.64 -12.10
C VAL A 211 -24.04 -23.24 -10.67
N LYS A 212 -23.64 -21.98 -10.50
CA LYS A 212 -23.38 -21.42 -9.18
C LYS A 212 -24.08 -20.07 -9.04
N SER A 213 -24.78 -19.88 -7.92
CA SER A 213 -25.57 -18.69 -7.73
C SER A 213 -25.49 -18.19 -6.30
N PHE A 214 -25.90 -16.94 -6.11
CA PHE A 214 -26.15 -16.38 -4.80
C PHE A 214 -27.19 -15.27 -4.93
N ASN A 215 -27.84 -14.94 -3.82
CA ASN A 215 -28.79 -13.84 -3.77
C ASN A 215 -28.24 -12.68 -2.98
N ARG A 216 -28.27 -11.49 -3.57
CA ARG A 216 -27.70 -10.31 -2.94
C ARG A 216 -28.28 -10.09 -1.55
N ASN A 217 -29.53 -10.51 -1.38
CA ASN A 217 -30.21 -10.35 -0.10
C ASN A 217 -29.86 -11.46 0.88
N GLU A 218 -28.57 -11.74 1.01
CA GLU A 218 -28.13 -12.74 1.96
C GLU A 218 -26.77 -12.37 2.54
N GLU B 1 27.94 -17.41 -5.38
CA GLU B 1 26.59 -17.35 -5.95
C GLU B 1 26.49 -16.21 -6.96
N VAL B 2 26.32 -16.55 -8.23
CA VAL B 2 26.21 -15.53 -9.27
C VAL B 2 24.87 -14.81 -9.20
N MET B 3 24.91 -13.49 -9.19
CA MET B 3 23.71 -12.68 -9.12
C MET B 3 23.67 -11.68 -10.26
N LEU B 4 22.50 -11.54 -10.87
CA LEU B 4 22.25 -10.52 -11.88
C LEU B 4 20.92 -9.86 -11.55
N VAL B 5 20.93 -8.56 -11.27
CA VAL B 5 19.71 -7.84 -10.90
C VAL B 5 19.45 -6.61 -11.75
N GLU B 6 18.31 -6.58 -12.42
CA GLU B 6 17.94 -5.45 -13.29
C GLU B 6 17.20 -4.37 -12.52
N SER B 7 17.31 -3.12 -12.97
CA SER B 7 16.59 -2.01 -12.37
C SER B 7 16.37 -0.90 -13.39
N GLY B 8 15.50 0.04 -13.04
CA GLY B 8 15.22 1.17 -13.89
C GLY B 8 13.94 1.03 -14.69
N GLY B 9 13.35 -0.15 -14.68
CA GLY B 9 12.15 -0.39 -15.45
C GLY B 9 10.98 0.39 -14.91
N GLY B 10 9.87 0.35 -15.65
CA GLY B 10 8.65 1.03 -15.24
C GLY B 10 7.98 1.74 -16.39
N LEU B 11 7.23 2.79 -16.10
CA LEU B 11 6.49 3.52 -17.11
C LEU B 11 7.35 4.67 -17.67
N VAL B 12 7.41 4.75 -18.99
CA VAL B 12 8.18 5.81 -19.64
C VAL B 12 7.34 6.36 -20.79
N GLN B 13 7.40 7.67 -20.99
CA GLN B 13 6.56 8.33 -21.98
C GLN B 13 7.16 8.21 -23.39
N PRO B 14 6.29 8.07 -24.40
CA PRO B 14 6.73 7.98 -25.79
C PRO B 14 7.61 9.17 -26.19
N GLY B 15 8.71 8.91 -26.89
CA GLY B 15 9.63 9.95 -27.30
C GLY B 15 10.81 10.08 -26.34
N ASN B 16 10.59 9.69 -25.08
CA ASN B 16 11.59 9.85 -24.03
C ASN B 16 12.71 8.80 -24.03
N SER B 17 13.57 8.89 -23.03
CA SER B 17 14.68 7.97 -22.87
C SER B 17 14.60 7.32 -21.50
N LEU B 18 15.33 6.22 -21.35
CA LEU B 18 15.33 5.43 -20.13
C LEU B 18 16.69 4.76 -20.01
N ARG B 19 17.24 4.75 -18.80
CA ARG B 19 18.47 4.02 -18.55
C ARG B 19 18.23 2.85 -17.59
N LEU B 20 18.68 1.67 -18.01
CA LEU B 20 18.52 0.48 -17.20
C LEU B 20 19.87 0.10 -16.64
N SER B 21 19.85 -0.52 -15.46
CA SER B 21 21.07 -0.99 -14.84
C SER B 21 20.96 -2.46 -14.44
N CYS B 22 22.12 -3.09 -14.27
CA CYS B 22 22.19 -4.52 -14.01
C CYS B 22 23.32 -4.79 -13.04
N ALA B 23 23.04 -4.64 -11.75
CA ALA B 23 24.03 -4.95 -10.72
C ALA B 23 24.40 -6.43 -10.76
N THR B 24 25.68 -6.74 -10.55
CA THR B 24 26.12 -8.13 -10.53
C THR B 24 27.06 -8.41 -9.36
N SER B 25 27.29 -9.69 -9.10
CA SER B 25 28.19 -10.14 -8.04
C SER B 25 28.34 -11.64 -8.17
N GLY B 26 29.40 -12.18 -7.56
CA GLY B 26 29.59 -13.62 -7.55
C GLY B 26 30.51 -14.14 -8.65
N PHE B 27 31.06 -13.24 -9.46
CA PHE B 27 32.01 -13.62 -10.49
C PHE B 27 32.90 -12.44 -10.86
N THR B 28 34.00 -12.71 -11.56
CA THR B 28 34.89 -11.64 -12.01
C THR B 28 34.26 -10.92 -13.20
N PHE B 29 33.61 -9.80 -12.91
CA PHE B 29 32.84 -9.07 -13.89
C PHE B 29 33.61 -8.83 -15.19
N THR B 30 34.82 -8.32 -15.09
CA THR B 30 35.57 -7.90 -16.28
C THR B 30 36.02 -9.08 -17.14
N ASP B 31 35.81 -10.29 -16.66
CA ASP B 31 36.17 -11.48 -17.43
C ASP B 31 35.11 -11.85 -18.47
N TYR B 32 33.92 -11.25 -18.35
CA TYR B 32 32.77 -11.66 -19.16
C TYR B 32 32.23 -10.59 -20.11
N TYR B 33 31.88 -11.02 -21.33
CA TYR B 33 30.98 -10.25 -22.19
C TYR B 33 29.68 -10.18 -21.41
N MET B 34 28.95 -9.09 -21.57
CA MET B 34 27.60 -8.99 -21.02
C MET B 34 26.62 -8.63 -22.14
N SER B 35 25.48 -9.32 -22.17
CA SER B 35 24.47 -9.06 -23.19
C SER B 35 23.18 -8.51 -22.59
N TRP B 36 22.39 -7.83 -23.43
CA TRP B 36 21.04 -7.44 -23.06
C TRP B 36 20.07 -8.14 -23.99
N VAL B 37 18.96 -8.59 -23.42
CA VAL B 37 17.94 -9.29 -24.19
C VAL B 37 16.60 -8.71 -23.79
N ARG B 38 15.72 -8.50 -24.76
CA ARG B 38 14.39 -7.98 -24.46
C ARG B 38 13.30 -8.91 -24.94
N GLN B 39 12.11 -8.75 -24.39
CA GLN B 39 10.99 -9.62 -24.72
C GLN B 39 9.65 -8.90 -24.57
N PRO B 40 9.02 -8.57 -25.70
CA PRO B 40 7.66 -8.00 -25.70
C PRO B 40 6.68 -9.03 -25.13
N PRO B 41 5.65 -8.57 -24.42
CA PRO B 41 4.65 -9.46 -23.83
C PRO B 41 4.17 -10.50 -24.82
N GLY B 42 4.34 -11.78 -24.47
CA GLY B 42 3.85 -12.88 -25.29
C GLY B 42 4.61 -13.07 -26.58
N LYS B 43 5.80 -12.46 -26.68
CA LYS B 43 6.61 -12.55 -27.89
C LYS B 43 7.95 -13.24 -27.67
N ALA B 44 8.72 -13.38 -28.73
CA ALA B 44 10.00 -14.08 -28.65
C ALA B 44 11.10 -13.23 -28.02
N LEU B 45 12.14 -13.90 -27.54
CA LEU B 45 13.31 -13.21 -27.06
C LEU B 45 14.03 -12.49 -28.21
N GLU B 46 14.57 -11.31 -27.93
CA GLU B 46 15.33 -10.56 -28.93
C GLU B 46 16.64 -10.00 -28.36
N TRP B 47 17.75 -10.51 -28.85
CA TRP B 47 19.06 -9.99 -28.48
C TRP B 47 19.21 -8.56 -28.99
N LEU B 48 19.71 -7.68 -28.13
CA LEU B 48 19.84 -6.27 -28.47
C LEU B 48 21.29 -5.89 -28.78
N GLY B 49 22.20 -6.40 -27.97
CA GLY B 49 23.62 -6.12 -28.17
C GLY B 49 24.40 -6.59 -26.97
N PHE B 50 25.73 -6.50 -27.05
CA PHE B 50 26.58 -6.83 -25.91
C PHE B 50 27.76 -5.87 -25.75
N ILE B 51 28.44 -6.02 -24.62
CA ILE B 51 29.72 -5.36 -24.41
C ILE B 51 30.74 -6.41 -24.01
N ARG B 52 31.94 -6.31 -24.57
CA ARG B 52 32.95 -7.35 -24.42
C ARG B 52 33.75 -7.21 -23.12
N ASN B 53 34.47 -8.27 -22.77
CA ASN B 53 35.27 -8.27 -21.55
C ASN B 53 36.49 -7.36 -21.69
N LYS B 54 37.23 -7.20 -20.59
CA LYS B 54 38.42 -6.37 -20.56
C LYS B 54 39.41 -6.72 -21.68
N ALA B 55 39.74 -8.00 -21.78
CA ALA B 55 40.74 -8.47 -22.75
C ALA B 55 40.45 -8.00 -24.18
N LYS B 56 39.18 -7.78 -24.49
CA LYS B 56 38.78 -7.38 -25.83
C LYS B 56 38.55 -5.88 -25.93
N GLY B 57 38.71 -5.18 -24.82
CA GLY B 57 38.62 -3.73 -24.82
C GLY B 57 37.22 -3.17 -24.60
N TYR B 58 36.34 -4.00 -24.03
CA TYR B 58 34.99 -3.58 -23.69
C TYR B 58 34.28 -2.94 -24.88
N THR B 59 34.48 -3.50 -26.08
CA THR B 59 33.86 -2.96 -27.28
C THR B 59 32.40 -3.42 -27.39
N THR B 60 31.59 -2.59 -28.05
CA THR B 60 30.15 -2.85 -28.13
C THR B 60 29.70 -3.27 -29.53
N GLU B 61 28.69 -4.12 -29.56
CA GLU B 61 27.99 -4.48 -30.79
C GLU B 61 26.49 -4.48 -30.51
N TYR B 62 25.69 -4.09 -31.52
CA TYR B 62 24.24 -4.07 -31.36
C TYR B 62 23.54 -4.72 -32.55
N SER B 63 22.31 -5.16 -32.32
CA SER B 63 21.50 -5.75 -33.37
C SER B 63 20.99 -4.69 -34.35
N ALA B 64 20.79 -5.09 -35.60
CA ALA B 64 20.27 -4.22 -36.64
C ALA B 64 19.15 -3.32 -36.13
N SER B 65 18.14 -3.94 -35.51
CA SER B 65 16.93 -3.25 -35.08
C SER B 65 17.16 -2.05 -34.17
N VAL B 66 18.22 -2.10 -33.35
CA VAL B 66 18.38 -1.08 -32.34
C VAL B 66 19.61 -0.18 -32.54
N LYS B 67 20.33 -0.39 -33.64
CA LYS B 67 21.49 0.46 -33.93
C LYS B 67 21.10 1.93 -33.93
N GLY B 68 21.96 2.76 -33.34
CA GLY B 68 21.73 4.19 -33.29
C GLY B 68 20.66 4.58 -32.29
N ARG B 69 20.11 3.60 -31.58
CA ARG B 69 19.03 3.87 -30.66
C ARG B 69 19.29 3.38 -29.24
N PHE B 70 19.85 2.18 -29.10
CA PHE B 70 20.20 1.66 -27.79
C PHE B 70 21.71 1.66 -27.61
N THR B 71 22.15 1.81 -26.37
CA THR B 71 23.57 1.91 -26.08
C THR B 71 23.93 1.12 -24.83
N ILE B 72 25.05 0.41 -24.88
CA ILE B 72 25.49 -0.39 -23.74
C ILE B 72 26.82 0.10 -23.17
N SER B 73 26.95 0.05 -21.85
CA SER B 73 28.17 0.46 -21.17
C SER B 73 28.30 -0.29 -19.84
N ARG B 74 29.48 -0.25 -19.25
CA ARG B 74 29.70 -0.96 -17.99
C ARG B 74 30.58 -0.18 -17.02
N ASP B 75 30.16 -0.16 -15.76
CA ASP B 75 30.98 0.34 -14.67
C ASP B 75 31.74 -0.85 -14.06
N ASN B 76 32.99 -0.99 -14.45
CA ASN B 76 33.81 -2.13 -14.02
C ASN B 76 34.27 -2.08 -12.57
N SER B 77 34.21 -0.90 -11.96
CA SER B 77 34.61 -0.76 -10.57
C SER B 77 33.51 -1.25 -9.64
N GLN B 78 32.27 -1.16 -10.12
CA GLN B 78 31.11 -1.56 -9.32
C GLN B 78 30.41 -2.81 -9.86
N SER B 79 30.94 -3.37 -10.95
CA SER B 79 30.33 -4.53 -11.59
C SER B 79 28.86 -4.26 -11.92
N ILE B 80 28.60 -3.12 -12.56
CA ILE B 80 27.24 -2.82 -13.01
C ILE B 80 27.18 -2.62 -14.53
N LEU B 81 26.21 -3.27 -15.15
CA LEU B 81 25.98 -3.14 -16.58
C LEU B 81 24.87 -2.12 -16.83
N TYR B 82 24.92 -1.43 -17.97
CA TYR B 82 23.92 -0.40 -18.26
C TYR B 82 23.32 -0.56 -19.65
N LEU B 83 22.08 -0.13 -19.81
CA LEU B 83 21.45 -0.05 -21.12
C LEU B 83 20.79 1.30 -21.33
N GLN B 84 21.37 2.12 -22.21
CA GLN B 84 20.83 3.44 -22.50
C GLN B 84 19.79 3.36 -23.63
N MET B 85 18.56 3.77 -23.35
CA MET B 85 17.49 3.67 -24.33
C MET B 85 16.98 5.05 -24.71
N ASN B 86 16.97 5.35 -26.00
CA ASN B 86 16.58 6.67 -26.46
C ASN B 86 15.39 6.63 -27.41
N THR B 87 14.57 7.68 -27.39
CA THR B 87 13.48 7.84 -28.35
C THR B 87 12.55 6.63 -28.35
N LEU B 88 12.15 6.22 -27.16
CA LEU B 88 11.36 4.99 -27.01
C LEU B 88 10.00 5.10 -27.70
N ARG B 89 9.52 3.98 -28.23
CA ARG B 89 8.15 3.90 -28.71
C ARG B 89 7.44 2.72 -28.07
N ALA B 90 6.15 2.59 -28.38
CA ALA B 90 5.34 1.51 -27.84
C ALA B 90 5.96 0.17 -28.22
N GLU B 91 6.58 0.10 -29.39
CA GLU B 91 7.18 -1.13 -29.87
C GLU B 91 8.32 -1.60 -28.96
N ASP B 92 8.77 -0.71 -28.08
CA ASP B 92 9.87 -1.04 -27.17
C ASP B 92 9.37 -1.56 -25.82
N SER B 93 8.05 -1.60 -25.64
CA SER B 93 7.46 -2.13 -24.41
C SER B 93 7.79 -3.61 -24.30
N ALA B 94 8.61 -3.96 -23.30
CA ALA B 94 9.07 -5.33 -23.13
C ALA B 94 9.75 -5.54 -21.79
N THR B 95 9.98 -6.80 -21.46
CA THR B 95 10.82 -7.14 -20.33
C THR B 95 12.29 -7.15 -20.78
N TYR B 96 13.14 -6.46 -20.02
CA TYR B 96 14.56 -6.38 -20.38
C TYR B 96 15.45 -7.21 -19.46
N TYR B 97 16.15 -8.17 -20.05
CA TYR B 97 17.04 -9.04 -19.29
C TYR B 97 18.50 -8.65 -19.49
N CYS B 98 19.29 -8.78 -18.44
CA CYS B 98 20.74 -8.80 -18.61
C CYS B 98 21.20 -10.24 -18.43
N ALA B 99 22.21 -10.63 -19.18
CA ALA B 99 22.68 -12.01 -19.16
C ALA B 99 24.19 -12.03 -19.19
N ARG B 100 24.77 -12.93 -18.42
CA ARG B 100 26.20 -13.09 -18.49
C ARG B 100 26.51 -13.83 -19.79
N ASP B 101 27.39 -13.25 -20.60
CA ASP B 101 27.78 -13.86 -21.86
C ASP B 101 29.12 -14.58 -21.67
N ILE B 102 29.82 -14.83 -22.76
CA ILE B 102 31.04 -15.63 -22.72
C ILE B 102 32.23 -15.00 -21.98
N SER B 103 33.12 -15.85 -21.48
CA SER B 103 34.42 -15.43 -21.00
C SER B 103 35.47 -16.30 -21.69
N PRO B 104 35.91 -15.84 -22.86
CA PRO B 104 36.77 -16.60 -23.77
C PRO B 104 38.25 -16.42 -23.46
N SER B 105 38.58 -15.49 -22.56
CA SER B 105 39.97 -15.12 -22.33
C SER B 105 40.56 -15.68 -21.05
N TYR B 106 39.69 -16.01 -20.09
CA TYR B 106 40.15 -16.58 -18.84
C TYR B 106 39.11 -17.49 -18.20
N GLY B 107 39.57 -18.65 -17.74
CA GLY B 107 38.69 -19.60 -17.07
C GLY B 107 37.88 -20.42 -18.05
N VAL B 108 36.69 -20.84 -17.62
CA VAL B 108 35.82 -21.69 -18.42
C VAL B 108 35.12 -20.95 -19.57
N TYR B 109 35.33 -21.42 -20.79
CA TYR B 109 34.68 -20.81 -21.94
C TYR B 109 33.72 -21.76 -22.66
N TYR B 110 32.45 -21.38 -22.69
CA TYR B 110 31.51 -22.04 -23.58
C TYR B 110 30.45 -21.07 -24.09
N GLU B 111 29.96 -21.34 -25.30
CA GLU B 111 29.01 -20.47 -25.97
C GLU B 111 27.58 -20.59 -25.42
N GLY B 112 27.28 -19.76 -24.42
CA GLY B 112 25.95 -19.73 -23.84
C GLY B 112 25.79 -18.65 -22.77
N PHE B 113 24.54 -18.27 -22.52
CA PHE B 113 24.26 -17.37 -21.41
C PHE B 113 23.96 -18.20 -20.17
N ALA B 114 24.95 -18.31 -19.28
CA ALA B 114 24.83 -19.17 -18.11
C ALA B 114 23.87 -18.63 -17.06
N TYR B 115 23.80 -17.32 -16.92
CA TYR B 115 22.99 -16.70 -15.88
C TYR B 115 22.20 -15.53 -16.43
N TRP B 116 20.97 -15.36 -15.97
CA TRP B 116 20.13 -14.23 -16.35
C TRP B 116 19.57 -13.51 -15.14
N GLY B 117 19.31 -12.21 -15.30
CA GLY B 117 18.60 -11.45 -14.29
C GLY B 117 17.13 -11.81 -14.29
N GLN B 118 16.37 -11.28 -13.34
CA GLN B 118 14.94 -11.60 -13.26
C GLN B 118 14.17 -10.74 -14.26
N GLY B 119 14.87 -9.80 -14.89
CA GLY B 119 14.25 -8.93 -15.87
C GLY B 119 13.42 -7.78 -15.30
N THR B 120 13.43 -6.65 -16.01
CA THR B 120 12.65 -5.51 -15.61
C THR B 120 11.73 -5.05 -16.74
N LEU B 121 10.44 -4.99 -16.46
CA LEU B 121 9.46 -4.60 -17.45
C LEU B 121 9.45 -3.10 -17.72
N VAL B 122 9.67 -2.73 -18.98
CA VAL B 122 9.55 -1.35 -19.43
C VAL B 122 8.29 -1.23 -20.26
N THR B 123 7.44 -0.27 -19.95
CA THR B 123 6.27 -0.04 -20.77
C THR B 123 6.17 1.42 -21.20
N VAL B 124 6.06 1.62 -22.51
CA VAL B 124 6.10 2.94 -23.11
C VAL B 124 4.70 3.41 -23.47
N SER B 125 4.16 4.29 -22.63
CA SER B 125 2.78 4.77 -22.80
C SER B 125 2.62 6.16 -22.23
N ALA B 126 1.77 6.96 -22.86
CA ALA B 126 1.52 8.32 -22.41
C ALA B 126 0.60 8.35 -21.19
N ALA B 127 0.12 7.18 -20.79
CA ALA B 127 -0.86 7.06 -19.70
C ALA B 127 -0.31 7.30 -18.29
N THR B 128 -1.09 6.92 -17.28
CA THR B 128 -0.83 7.27 -15.90
C THR B 128 -0.52 6.09 -14.97
N THR B 129 0.64 6.17 -14.31
CA THR B 129 1.02 5.22 -13.27
C THR B 129 0.01 5.27 -12.13
N THR B 130 -0.81 4.23 -12.03
CA THR B 130 -1.80 4.15 -10.97
C THR B 130 -1.79 2.79 -10.26
N ALA B 131 -1.42 2.82 -8.98
CA ALA B 131 -1.39 1.61 -8.14
C ALA B 131 -2.75 0.93 -8.08
N PRO B 132 -2.75 -0.41 -7.90
CA PRO B 132 -3.98 -1.20 -7.96
C PRO B 132 -4.80 -1.15 -6.68
N SER B 133 -6.09 -1.44 -6.81
CA SER B 133 -6.92 -1.68 -5.64
C SER B 133 -7.06 -3.19 -5.50
N VAL B 134 -7.03 -3.66 -4.25
CA VAL B 134 -7.06 -5.09 -3.99
C VAL B 134 -8.28 -5.48 -3.19
N TYR B 135 -9.24 -6.14 -3.85
CA TYR B 135 -10.45 -6.58 -3.17
C TYR B 135 -10.39 -8.07 -2.83
N PRO B 136 -10.97 -8.45 -1.69
CA PRO B 136 -11.03 -9.85 -1.28
C PRO B 136 -12.08 -10.64 -2.06
N LEU B 137 -11.82 -11.92 -2.29
CA LEU B 137 -12.79 -12.85 -2.87
C LEU B 137 -13.12 -13.94 -1.84
N VAL B 138 -14.30 -13.85 -1.24
CA VAL B 138 -14.73 -14.83 -0.24
C VAL B 138 -16.14 -15.30 -0.53
N PRO B 139 -16.42 -16.58 -0.23
CA PRO B 139 -17.70 -17.23 -0.56
C PRO B 139 -18.93 -16.56 0.06
N GLY B 140 -20.09 -16.72 -0.57
CA GLY B 140 -21.33 -16.15 -0.09
C GLY B 140 -21.73 -16.62 1.29
N GLY B 146 -17.44 -27.12 2.16
CA GLY B 146 -17.12 -28.47 2.58
C GLY B 146 -15.77 -28.58 3.28
N SER B 147 -14.90 -29.44 2.76
CA SER B 147 -13.62 -29.69 3.40
C SER B 147 -12.55 -28.71 2.95
N SER B 148 -12.75 -28.14 1.76
CA SER B 148 -11.83 -27.11 1.25
C SER B 148 -12.56 -25.81 0.97
N VAL B 149 -11.81 -24.72 1.02
CA VAL B 149 -12.35 -23.42 0.68
C VAL B 149 -11.41 -22.70 -0.28
N THR B 150 -11.97 -22.03 -1.27
CA THR B 150 -11.16 -21.27 -2.21
C THR B 150 -11.36 -19.79 -1.95
N LEU B 151 -10.24 -19.08 -1.77
CA LEU B 151 -10.27 -17.64 -1.56
C LEU B 151 -9.42 -16.97 -2.65
N GLY B 152 -9.37 -15.65 -2.62
CA GLY B 152 -8.48 -14.93 -3.51
C GLY B 152 -8.55 -13.42 -3.39
N CYS B 153 -7.67 -12.73 -4.10
CA CYS B 153 -7.76 -11.27 -4.23
C CYS B 153 -7.95 -10.81 -5.66
N LEU B 154 -9.01 -10.05 -5.89
CA LEU B 154 -9.26 -9.42 -7.17
C LEU B 154 -8.49 -8.10 -7.22
N VAL B 155 -7.59 -7.97 -8.20
CA VAL B 155 -6.74 -6.79 -8.33
C VAL B 155 -7.15 -6.00 -9.57
N LYS B 156 -7.65 -4.78 -9.38
CA LYS B 156 -8.13 -3.99 -10.50
C LYS B 156 -7.53 -2.60 -10.59
N GLY B 157 -7.68 -2.01 -11.77
CA GLY B 157 -7.34 -0.62 -12.03
C GLY B 157 -5.91 -0.19 -11.81
N TYR B 158 -4.96 -1.01 -12.23
CA TYR B 158 -3.54 -0.66 -12.09
C TYR B 158 -2.85 -0.45 -13.43
N PHE B 159 -1.86 0.43 -13.44
CA PHE B 159 -1.10 0.70 -14.65
C PHE B 159 0.23 1.31 -14.30
N PRO B 160 1.30 0.86 -14.95
CA PRO B 160 1.25 -0.21 -15.95
C PRO B 160 1.47 -1.58 -15.32
N GLU B 161 1.74 -2.60 -16.13
CA GLU B 161 2.11 -3.90 -15.61
C GLU B 161 3.50 -3.84 -14.99
N PRO B 162 3.85 -4.85 -14.18
CA PRO B 162 2.98 -5.95 -13.78
C PRO B 162 2.55 -5.82 -12.34
N VAL B 163 1.82 -6.81 -11.84
CA VAL B 163 1.67 -6.97 -10.41
C VAL B 163 2.04 -8.41 -10.08
N THR B 164 2.58 -8.64 -8.89
CA THR B 164 2.73 -10.01 -8.42
C THR B 164 1.92 -10.19 -7.14
N VAL B 165 1.39 -11.40 -6.97
CA VAL B 165 0.61 -11.70 -5.78
C VAL B 165 1.24 -12.87 -5.04
N LYS B 166 1.36 -12.72 -3.72
CA LYS B 166 1.82 -13.80 -2.87
C LYS B 166 0.79 -14.08 -1.78
N TRP B 167 0.90 -15.22 -1.12
CA TRP B 167 0.00 -15.55 -0.02
C TRP B 167 0.79 -15.90 1.22
N ASN B 168 0.36 -15.37 2.36
CA ASN B 168 1.10 -15.51 3.61
C ASN B 168 2.59 -15.21 3.39
N TYR B 169 2.86 -14.10 2.73
CA TYR B 169 4.23 -13.65 2.46
C TYR B 169 5.08 -14.75 1.83
N GLY B 170 4.45 -15.60 1.04
CA GLY B 170 5.16 -16.64 0.31
C GLY B 170 5.24 -17.97 1.04
N ALA B 171 4.59 -18.06 2.20
CA ALA B 171 4.56 -19.30 2.95
C ALA B 171 3.47 -20.22 2.43
N LEU B 172 2.40 -19.62 1.90
CA LEU B 172 1.31 -20.38 1.31
C LEU B 172 1.49 -20.39 -0.19
N SER B 173 2.10 -21.45 -0.70
CA SER B 173 2.40 -21.53 -2.12
C SER B 173 1.57 -22.57 -2.87
N SER B 174 0.98 -23.51 -2.13
CA SER B 174 0.24 -24.62 -2.72
C SER B 174 -1.23 -24.30 -3.03
N GLY B 175 -1.70 -24.72 -4.20
CA GLY B 175 -3.05 -24.45 -4.65
C GLY B 175 -3.28 -23.02 -5.12
N VAL B 176 -2.21 -22.34 -5.50
CA VAL B 176 -2.34 -20.97 -5.97
C VAL B 176 -2.56 -20.94 -7.47
N ARG B 177 -3.56 -20.20 -7.91
CA ARG B 177 -3.80 -19.95 -9.31
C ARG B 177 -3.89 -18.46 -9.54
N THR B 178 -3.11 -17.95 -10.49
CA THR B 178 -3.11 -16.55 -10.82
C THR B 178 -3.36 -16.41 -12.31
N VAL B 179 -4.54 -15.95 -12.69
CA VAL B 179 -4.85 -15.76 -14.10
C VAL B 179 -4.07 -14.60 -14.71
N SER B 180 -3.85 -14.68 -16.01
CA SER B 180 -3.19 -13.62 -16.74
C SER B 180 -3.92 -12.29 -16.55
N SER B 181 -3.21 -11.19 -16.78
CA SER B 181 -3.82 -9.88 -16.69
C SER B 181 -4.79 -9.68 -17.85
N VAL B 182 -5.70 -8.73 -17.71
CA VAL B 182 -6.55 -8.33 -18.82
C VAL B 182 -6.56 -6.81 -18.88
N LEU B 183 -6.55 -6.27 -20.08
CA LEU B 183 -6.53 -4.82 -20.29
C LEU B 183 -7.87 -4.33 -20.80
N GLN B 184 -8.44 -3.37 -20.07
CA GLN B 184 -9.73 -2.80 -20.43
C GLN B 184 -9.78 -1.34 -20.02
N SER B 185 -10.16 -0.47 -20.95
CA SER B 185 -10.28 0.95 -20.67
C SER B 185 -9.00 1.54 -20.08
N GLY B 186 -7.85 1.07 -20.56
CA GLY B 186 -6.57 1.62 -20.15
C GLY B 186 -6.07 1.11 -18.81
N PHE B 187 -6.81 0.19 -18.20
CA PHE B 187 -6.41 -0.38 -16.92
C PHE B 187 -6.30 -1.90 -16.91
N TYR B 188 -5.43 -2.41 -16.05
CA TYR B 188 -5.24 -3.84 -15.90
C TYR B 188 -5.94 -4.39 -14.66
N SER B 189 -6.31 -5.65 -14.74
CA SER B 189 -6.82 -6.37 -13.58
C SER B 189 -6.42 -7.83 -13.68
N LEU B 190 -6.19 -8.44 -12.53
CA LEU B 190 -6.03 -9.88 -12.45
C LEU B 190 -6.56 -10.35 -11.11
N SER B 191 -6.90 -11.62 -11.03
CA SER B 191 -7.31 -12.17 -9.74
C SER B 191 -6.48 -13.41 -9.43
N SER B 192 -6.18 -13.61 -8.16
CA SER B 192 -5.36 -14.73 -7.72
C SER B 192 -6.10 -15.50 -6.63
N LEU B 193 -6.13 -16.82 -6.76
CA LEU B 193 -6.84 -17.63 -5.78
C LEU B 193 -5.98 -18.73 -5.18
N VAL B 194 -6.34 -19.11 -3.96
CA VAL B 194 -5.67 -20.21 -3.28
C VAL B 194 -6.71 -21.08 -2.61
N THR B 195 -6.58 -22.39 -2.79
CA THR B 195 -7.46 -23.34 -2.13
C THR B 195 -6.77 -23.92 -0.91
N VAL B 196 -7.44 -23.83 0.24
CA VAL B 196 -6.91 -24.36 1.48
C VAL B 196 -7.94 -25.26 2.16
N PRO B 197 -7.49 -26.09 3.12
CA PRO B 197 -8.42 -26.93 3.88
C PRO B 197 -9.28 -26.07 4.79
N SER B 198 -10.58 -26.36 4.86
CA SER B 198 -11.49 -25.53 5.65
C SER B 198 -11.10 -25.44 7.13
N SER B 199 -10.30 -26.39 7.59
CA SER B 199 -9.81 -26.35 8.96
C SER B 199 -8.72 -25.30 9.12
N THR B 200 -8.31 -24.69 8.01
CA THR B 200 -7.25 -23.68 8.01
C THR B 200 -7.82 -22.27 8.08
N TRP B 201 -8.98 -22.06 7.48
CA TRP B 201 -9.56 -20.72 7.42
C TRP B 201 -11.04 -20.81 7.73
N PRO B 202 -11.56 -19.86 8.53
CA PRO B 202 -10.84 -18.69 9.06
C PRO B 202 -10.11 -18.92 10.37
N SER B 203 -10.10 -20.15 10.86
CA SER B 203 -9.44 -20.46 12.13
C SER B 203 -8.03 -19.89 12.16
N GLN B 204 -7.36 -19.90 11.02
CA GLN B 204 -6.03 -19.29 10.89
C GLN B 204 -6.05 -18.11 9.92
N THR B 205 -4.90 -17.46 9.75
CA THR B 205 -4.80 -16.25 8.95
C THR B 205 -4.46 -16.50 7.48
N VAL B 206 -5.18 -15.82 6.60
CA VAL B 206 -4.89 -15.87 5.17
C VAL B 206 -4.77 -14.46 4.59
N ILE B 207 -3.59 -14.15 4.05
CA ILE B 207 -3.31 -12.82 3.52
C ILE B 207 -2.65 -12.92 2.16
N CYS B 208 -3.06 -12.05 1.24
CA CYS B 208 -2.32 -11.90 -0.02
C CYS B 208 -1.50 -10.61 -0.01
N ASN B 209 -0.38 -10.64 -0.73
CA ASN B 209 0.49 -9.47 -0.86
C ASN B 209 0.58 -9.09 -2.32
N VAL B 210 -0.07 -7.99 -2.69
CA VAL B 210 -0.08 -7.55 -4.07
C VAL B 210 0.98 -6.49 -4.25
N ALA B 211 1.95 -6.78 -5.12
CA ALA B 211 3.06 -5.88 -5.36
C ALA B 211 2.98 -5.28 -6.76
N HIS B 212 3.13 -3.96 -6.83
CA HIS B 212 3.09 -3.23 -8.10
C HIS B 212 4.35 -2.38 -8.27
N PRO B 213 5.41 -2.99 -8.84
CA PRO B 213 6.73 -2.38 -8.98
C PRO B 213 6.70 -0.93 -9.46
N ALA B 214 5.90 -0.66 -10.50
CA ALA B 214 5.88 0.66 -11.13
C ALA B 214 5.55 1.81 -10.16
N SER B 215 4.72 1.52 -9.16
CA SER B 215 4.37 2.53 -8.17
C SER B 215 5.11 2.30 -6.86
N LYS B 216 6.05 1.36 -6.86
CA LYS B 216 6.80 1.02 -5.66
C LYS B 216 5.83 0.78 -4.51
N THR B 217 4.77 0.03 -4.80
CA THR B 217 3.69 -0.16 -3.85
C THR B 217 3.46 -1.62 -3.46
N GLU B 218 3.18 -1.84 -2.18
CA GLU B 218 2.69 -3.13 -1.71
C GLU B 218 1.39 -2.96 -0.94
N LEU B 219 0.39 -3.76 -1.30
CA LEU B 219 -0.87 -3.79 -0.56
C LEU B 219 -1.00 -5.17 0.07
N ILE B 220 -1.27 -5.20 1.36
CA ILE B 220 -1.59 -6.45 2.00
C ILE B 220 -3.09 -6.50 2.28
N LYS B 221 -3.69 -7.66 2.04
CA LYS B 221 -5.12 -7.80 2.23
C LYS B 221 -5.41 -9.06 3.04
N ARG B 222 -5.89 -8.87 4.26
CA ARG B 222 -6.27 -10.00 5.08
C ARG B 222 -7.66 -10.49 4.67
N ILE B 223 -7.77 -11.78 4.38
CA ILE B 223 -9.03 -12.38 3.93
C ILE B 223 -9.94 -12.73 5.09
N GLU B 224 -11.00 -11.95 5.27
CA GLU B 224 -11.90 -12.12 6.41
C GLU B 224 -13.23 -12.73 5.99
N PRO B 225 -13.89 -13.43 6.93
CA PRO B 225 -15.21 -14.02 6.72
C PRO B 225 -16.29 -12.95 6.53
N ARG B 226 -17.35 -13.29 5.81
CA ARG B 226 -18.52 -12.43 5.72
C ARG B 226 -19.35 -12.49 7.00
N ILE C 2 -25.72 22.47 33.92
CA ILE C 2 -24.50 23.06 34.48
C ILE C 2 -23.50 23.48 33.41
N VAL C 3 -23.22 24.77 33.32
CA VAL C 3 -22.26 25.30 32.36
C VAL C 3 -20.85 25.34 32.94
N MET C 4 -19.88 24.84 32.18
CA MET C 4 -18.49 24.84 32.60
C MET C 4 -17.65 25.75 31.71
N THR C 5 -16.83 26.57 32.33
CA THR C 5 -16.01 27.52 31.57
C THR C 5 -14.55 27.51 32.01
N GLN C 6 -13.63 27.51 31.05
CA GLN C 6 -12.21 27.38 31.34
C GLN C 6 -11.37 28.56 30.86
N SER C 7 -10.35 28.90 31.64
CA SER C 7 -9.57 30.11 31.39
C SER C 7 -8.12 29.92 31.80
N PRO C 8 -7.18 30.31 30.92
CA PRO C 8 -7.39 30.87 29.58
C PRO C 8 -7.53 29.76 28.53
N SER C 9 -7.87 30.10 27.30
CA SER C 9 -8.07 29.09 26.27
C SER C 9 -6.75 28.46 25.85
N SER C 10 -5.67 29.24 25.96
CA SER C 10 -4.33 28.70 25.78
C SER C 10 -3.30 29.55 26.50
N LEU C 11 -2.10 29.00 26.63
CA LEU C 11 -1.01 29.70 27.27
C LEU C 11 0.26 28.92 27.03
N ALA C 12 1.40 29.57 27.16
CA ALA C 12 2.68 28.89 27.01
C ALA C 12 3.62 29.27 28.15
N VAL C 13 4.20 28.27 28.78
CA VAL C 13 5.24 28.52 29.76
C VAL C 13 6.45 27.67 29.44
N SER C 14 7.61 28.06 29.98
CA SER C 14 8.84 27.34 29.72
C SER C 14 9.03 26.22 30.73
N ALA C 15 9.68 25.15 30.30
CA ALA C 15 9.99 24.03 31.19
C ALA C 15 10.49 24.51 32.55
N GLY C 16 10.06 23.83 33.61
CA GLY C 16 10.52 24.14 34.96
C GLY C 16 9.71 25.23 35.64
N GLU C 17 8.90 25.94 34.86
CA GLU C 17 8.08 27.00 35.43
C GLU C 17 6.73 26.49 35.90
N LYS C 18 6.07 27.28 36.75
CA LYS C 18 4.77 26.91 37.29
C LYS C 18 3.69 27.26 36.28
N VAL C 19 2.53 26.61 36.39
CA VAL C 19 1.41 26.93 35.51
C VAL C 19 0.10 26.80 36.26
N THR C 20 -0.92 27.54 35.79
CA THR C 20 -2.19 27.62 36.49
C THR C 20 -3.36 27.74 35.50
N MET C 21 -4.49 27.09 35.82
CA MET C 21 -5.67 27.15 34.96
C MET C 21 -6.95 27.35 35.75
N SER C 22 -7.82 28.21 35.25
CA SER C 22 -9.11 28.42 35.90
C SER C 22 -10.17 27.50 35.29
N CYS C 23 -11.08 27.04 36.13
CA CYS C 23 -12.26 26.32 35.69
C CYS C 23 -13.42 26.77 36.55
N LYS C 24 -14.44 27.38 35.93
CA LYS C 24 -15.58 27.86 36.68
C LYS C 24 -16.89 27.15 36.29
N SER C 25 -17.73 26.87 37.29
CA SER C 25 -18.99 26.19 37.05
C SER C 25 -20.16 27.13 37.31
N SER C 26 -21.28 26.89 36.65
CA SER C 26 -22.43 27.77 36.76
C SER C 26 -23.19 27.55 38.07
N GLN C 27 -23.03 26.38 38.67
CA GLN C 27 -23.58 26.10 40.00
C GLN C 27 -22.51 25.43 40.87
N SER C 28 -22.80 25.32 42.15
CA SER C 28 -21.87 24.70 43.08
C SER C 28 -21.72 23.20 42.78
N LEU C 29 -20.49 22.73 42.74
CA LEU C 29 -20.21 21.32 42.48
C LEU C 29 -20.05 20.55 43.77
N LEU C 30 -20.46 21.17 44.88
CA LEU C 30 -20.37 20.55 46.18
C LEU C 30 -21.50 19.54 46.37
N ASN C 31 -21.15 18.31 46.76
CA ASN C 31 -22.13 17.27 47.03
C ASN C 31 -22.39 17.16 48.52
N SER C 32 -23.51 17.72 48.96
CA SER C 32 -23.83 17.80 50.38
C SER C 32 -23.56 16.49 51.13
N ARG C 33 -23.99 15.37 50.56
CA ARG C 33 -23.86 14.08 51.24
C ARG C 33 -22.42 13.70 51.60
N THR C 34 -21.47 14.00 50.71
CA THR C 34 -20.08 13.61 50.92
C THR C 34 -19.17 14.79 51.26
N ARG C 35 -19.72 16.00 51.24
CA ARG C 35 -18.95 17.21 51.51
C ARG C 35 -17.78 17.37 50.55
N LYS C 36 -17.87 16.70 49.40
CA LYS C 36 -16.83 16.79 48.38
C LYS C 36 -17.34 17.50 47.13
N ASN C 37 -16.42 18.19 46.45
CA ASN C 37 -16.76 18.84 45.18
C ASN C 37 -16.49 17.91 44.02
N TYR C 38 -17.54 17.56 43.29
CA TYR C 38 -17.45 16.62 42.18
C TYR C 38 -16.91 17.29 40.93
N LEU C 39 -15.65 17.69 40.99
CA LEU C 39 -14.95 18.28 39.85
C LEU C 39 -13.67 17.50 39.54
N ALA C 40 -13.39 17.31 38.24
CA ALA C 40 -12.23 16.52 37.83
C ALA C 40 -11.43 17.23 36.74
N TRP C 41 -10.13 16.90 36.67
CA TRP C 41 -9.26 17.41 35.62
C TRP C 41 -8.74 16.27 34.76
N TYR C 42 -8.79 16.44 33.45
CA TYR C 42 -8.26 15.45 32.52
C TYR C 42 -7.19 16.05 31.63
N GLN C 43 -6.16 15.28 31.35
CA GLN C 43 -5.09 15.68 30.45
C GLN C 43 -5.25 14.96 29.12
N GLN C 44 -5.32 15.73 28.04
CA GLN C 44 -5.38 15.11 26.72
C GLN C 44 -4.22 15.56 25.82
N LYS C 45 -3.29 14.65 25.56
CA LYS C 45 -2.17 14.93 24.66
C LYS C 45 -2.57 14.66 23.22
N PRO C 46 -1.92 15.34 22.27
CA PRO C 46 -2.33 15.23 20.86
C PRO C 46 -2.38 13.76 20.41
N GLY C 47 -3.44 13.41 19.70
CA GLY C 47 -3.61 12.05 19.19
C GLY C 47 -3.82 11.03 20.28
N GLN C 48 -4.13 11.48 21.48
CA GLN C 48 -4.34 10.57 22.61
C GLN C 48 -5.68 10.77 23.29
N SER C 49 -6.13 9.77 24.02
CA SER C 49 -7.38 9.85 24.77
C SER C 49 -7.16 10.61 26.07
N PRO C 50 -8.24 11.16 26.66
CA PRO C 50 -8.13 11.89 27.91
C PRO C 50 -7.64 10.99 29.04
N LYS C 51 -6.91 11.57 29.97
CA LYS C 51 -6.37 10.81 31.09
C LYS C 51 -6.66 11.58 32.36
N LEU C 52 -7.26 10.91 33.33
CA LEU C 52 -7.65 11.54 34.59
C LEU C 52 -6.42 11.89 35.42
N LEU C 53 -6.38 13.12 35.92
CA LEU C 53 -5.28 13.57 36.75
C LEU C 53 -5.76 13.78 38.17
N ILE C 54 -6.75 14.66 38.33
CA ILE C 54 -7.27 15.02 39.63
C ILE C 54 -8.76 14.76 39.70
N TYR C 55 -9.22 14.30 40.86
CA TYR C 55 -10.64 14.16 41.12
C TYR C 55 -10.98 14.65 42.53
N TRP C 56 -12.26 14.82 42.80
CA TRP C 56 -12.72 15.49 44.02
C TRP C 56 -12.01 16.84 44.17
N ALA C 57 -11.74 17.49 43.04
CA ALA C 57 -11.07 18.78 43.01
C ALA C 57 -9.58 18.74 43.34
N SER C 58 -9.19 17.97 44.36
CA SER C 58 -7.81 18.03 44.84
C SER C 58 -7.14 16.68 45.11
N THR C 59 -7.83 15.58 44.89
CA THR C 59 -7.18 14.28 45.04
C THR C 59 -6.46 13.84 43.75
N ARG C 60 -5.20 13.43 43.90
CA ARG C 60 -4.39 12.99 42.77
C ARG C 60 -4.68 11.53 42.41
N GLU C 61 -4.94 11.28 41.13
CA GLU C 61 -5.24 9.92 40.67
C GLU C 61 -3.96 9.10 40.60
N SER C 62 -4.10 7.79 40.81
CA SER C 62 -2.97 6.87 40.76
C SER C 62 -2.09 7.14 39.53
N GLY C 63 -0.80 6.94 39.69
CA GLY C 63 0.11 7.00 38.55
C GLY C 63 0.44 8.41 38.09
N VAL C 64 -0.33 9.39 38.56
CA VAL C 64 -0.11 10.78 38.18
C VAL C 64 1.01 11.44 39.00
N PRO C 65 1.94 12.11 38.32
CA PRO C 65 3.11 12.72 38.97
C PRO C 65 2.74 13.81 39.97
N ASP C 66 3.59 14.01 40.96
CA ASP C 66 3.33 14.95 42.05
C ASP C 66 3.15 16.40 41.55
N ARG C 67 3.77 16.71 40.41
CA ARG C 67 3.72 18.05 39.83
C ARG C 67 2.32 18.61 39.76
N PHE C 68 1.39 17.77 39.31
CA PHE C 68 0.00 18.19 39.13
C PHE C 68 -0.72 18.24 40.46
N THR C 69 -1.43 19.34 40.67
CA THR C 69 -2.21 19.55 41.88
C THR C 69 -3.50 20.28 41.53
N GLY C 70 -4.55 20.01 42.28
CA GLY C 70 -5.82 20.71 42.10
C GLY C 70 -6.23 21.41 43.36
N SER C 71 -7.12 22.39 43.22
CA SER C 71 -7.61 23.16 44.34
C SER C 71 -8.82 23.96 43.92
N GLY C 72 -9.67 24.28 44.88
CA GLY C 72 -10.88 25.03 44.62
C GLY C 72 -12.06 24.49 45.37
N SER C 73 -13.15 25.25 45.36
CA SER C 73 -14.35 24.89 46.09
C SER C 73 -15.56 25.55 45.43
N GLY C 74 -16.75 24.98 45.66
CA GLY C 74 -17.98 25.54 45.15
C GLY C 74 -18.08 25.63 43.64
N THR C 75 -17.65 26.75 43.08
CA THR C 75 -17.76 26.97 41.64
C THR C 75 -16.44 27.43 41.02
N ASP C 76 -15.41 27.57 41.85
CA ASP C 76 -14.11 28.02 41.38
C ASP C 76 -13.05 26.95 41.63
N PHE C 77 -12.28 26.63 40.60
CA PHE C 77 -11.28 25.56 40.69
C PHE C 77 -10.06 25.84 39.83
N THR C 78 -8.92 25.35 40.27
CA THR C 78 -7.67 25.60 39.56
C THR C 78 -6.80 24.35 39.46
N LEU C 79 -6.18 24.17 38.30
CA LEU C 79 -5.18 23.14 38.10
C LEU C 79 -3.78 23.76 38.08
N THR C 80 -2.87 23.22 38.87
CA THR C 80 -1.51 23.73 38.96
C THR C 80 -0.48 22.65 38.66
N ILE C 81 0.41 22.92 37.70
CA ILE C 81 1.59 22.08 37.51
C ILE C 81 2.78 22.83 38.10
N SER C 82 3.31 22.35 39.22
CA SER C 82 4.34 23.08 39.94
C SER C 82 5.59 23.39 39.11
N SER C 83 6.01 22.43 38.28
CA SER C 83 7.18 22.64 37.43
C SER C 83 7.04 21.90 36.11
N VAL C 84 6.44 22.57 35.13
CA VAL C 84 6.08 21.92 33.88
C VAL C 84 7.22 21.19 33.19
N GLN C 85 6.90 20.06 32.58
CA GLN C 85 7.82 19.31 31.75
C GLN C 85 7.47 19.46 30.27
N ALA C 86 8.44 19.22 29.40
CA ALA C 86 8.19 19.25 27.96
C ALA C 86 7.15 18.20 27.54
N GLU C 87 6.98 17.15 28.36
CA GLU C 87 6.01 16.09 28.06
C GLU C 87 4.57 16.54 28.30
N ASP C 88 4.41 17.67 28.97
CA ASP C 88 3.08 18.09 29.44
C ASP C 88 2.24 18.81 28.39
N LEU C 89 2.68 18.77 27.14
CA LEU C 89 1.87 19.28 26.03
C LEU C 89 0.52 18.61 26.11
N ALA C 90 -0.54 19.41 26.21
CA ALA C 90 -1.90 18.88 26.26
C ALA C 90 -2.94 19.98 26.40
N VAL C 91 -4.18 19.64 26.05
CA VAL C 91 -5.33 20.43 26.45
C VAL C 91 -5.79 19.86 27.78
N TYR C 92 -6.09 20.72 28.73
CA TYR C 92 -6.52 20.25 30.05
C TYR C 92 -7.99 20.54 30.27
N TYR C 93 -8.76 19.49 30.51
CA TYR C 93 -10.20 19.64 30.64
C TYR C 93 -10.62 19.47 32.08
N CYS C 94 -11.50 20.34 32.55
CA CYS C 94 -12.18 20.11 33.81
C CYS C 94 -13.55 19.48 33.53
N LYS C 95 -14.15 18.85 34.53
CA LYS C 95 -15.42 18.17 34.33
C LYS C 95 -16.20 18.09 35.64
N GLN C 96 -17.43 18.58 35.61
CA GLN C 96 -18.29 18.45 36.77
C GLN C 96 -19.07 17.15 36.67
N SER C 97 -19.36 16.55 37.81
CA SER C 97 -20.15 15.32 37.85
C SER C 97 -21.07 15.30 39.06
N ASN C 98 -21.46 16.49 39.51
CA ASN C 98 -22.42 16.61 40.60
C ASN C 98 -23.83 16.48 40.06
N ASN C 99 -23.95 16.71 38.75
CA ASN C 99 -25.23 16.56 38.06
C ASN C 99 -24.98 16.04 36.64
N LEU C 100 -25.18 14.74 36.44
CA LEU C 100 -24.73 14.09 35.21
C LEU C 100 -23.25 14.45 35.00
N ARG C 101 -22.88 14.81 33.78
CA ARG C 101 -21.51 15.24 33.52
C ARG C 101 -21.41 16.34 32.48
N THR C 102 -20.52 17.30 32.74
CA THR C 102 -20.23 18.37 31.79
C THR C 102 -18.74 18.70 31.82
N PHE C 103 -18.12 18.71 30.65
CA PHE C 103 -16.73 19.13 30.53
C PHE C 103 -16.62 20.63 30.26
N GLY C 104 -15.46 21.20 30.59
CA GLY C 104 -15.13 22.56 30.20
C GLY C 104 -14.57 22.57 28.78
N GLY C 105 -14.38 23.75 28.21
CA GLY C 105 -13.89 23.87 26.85
C GLY C 105 -12.40 23.58 26.68
N GLY C 106 -11.71 23.37 27.78
CA GLY C 106 -10.31 23.01 27.73
C GLY C 106 -9.35 24.19 27.62
N THR C 107 -8.21 24.04 28.28
CA THR C 107 -7.14 25.02 28.20
C THR C 107 -5.95 24.35 27.55
N LYS C 108 -5.53 24.84 26.40
CA LYS C 108 -4.40 24.27 25.68
C LYS C 108 -3.05 24.80 26.17
N LEU C 109 -2.22 23.89 26.68
CA LEU C 109 -0.90 24.26 27.17
C LEU C 109 0.17 23.98 26.13
N GLU C 110 0.96 25.00 25.83
CA GLU C 110 2.11 24.83 24.95
C GLU C 110 3.38 25.13 25.74
N ILE C 111 4.49 24.58 25.29
CA ILE C 111 5.77 24.79 25.97
C ILE C 111 6.60 25.85 25.27
N LYS C 112 7.09 26.82 26.03
CA LYS C 112 8.04 27.79 25.51
C LYS C 112 9.46 27.22 25.50
N ARG C 113 10.25 27.64 24.52
CA ARG C 113 11.64 27.24 24.44
C ARG C 113 12.42 28.31 23.72
N ALA C 114 13.74 28.28 23.86
CA ALA C 114 14.60 29.23 23.16
C ALA C 114 14.21 29.23 21.68
N ASP C 115 14.34 30.39 21.04
CA ASP C 115 14.04 30.48 19.63
C ASP C 115 15.00 29.58 18.86
N ALA C 116 14.53 28.98 17.77
CA ALA C 116 15.34 28.08 16.96
C ALA C 116 14.87 28.05 15.50
N ALA C 117 15.82 28.27 14.59
CA ALA C 117 15.50 28.35 13.17
C ALA C 117 15.21 26.97 12.58
N PRO C 118 14.38 26.94 11.53
CA PRO C 118 13.97 25.71 10.86
C PRO C 118 15.04 25.16 9.93
N THR C 119 15.13 23.85 9.81
CA THR C 119 15.94 23.25 8.76
C THR C 119 15.02 23.00 7.58
N VAL C 120 15.32 23.61 6.45
CA VAL C 120 14.39 23.61 5.32
C VAL C 120 14.75 22.59 4.24
N SER C 121 13.73 22.06 3.58
CA SER C 121 13.92 21.09 2.51
C SER C 121 12.82 21.23 1.47
N ILE C 122 13.19 21.12 0.20
CA ILE C 122 12.23 21.25 -0.89
C ILE C 122 12.13 19.94 -1.66
N PHE C 123 10.91 19.58 -2.04
CA PHE C 123 10.69 18.34 -2.77
C PHE C 123 9.96 18.60 -4.07
N PRO C 124 10.65 18.42 -5.20
CA PRO C 124 9.96 18.50 -6.49
C PRO C 124 8.92 17.40 -6.57
N PRO C 125 7.92 17.57 -7.46
CA PRO C 125 6.90 16.54 -7.65
C PRO C 125 7.56 15.20 -7.98
N SER C 126 6.96 14.10 -7.55
CA SER C 126 7.45 12.78 -7.92
C SER C 126 7.05 12.53 -9.36
N SER C 127 7.88 11.79 -10.09
CA SER C 127 7.58 11.49 -11.48
C SER C 127 6.29 10.68 -11.56
N GLU C 128 6.05 9.84 -10.55
CA GLU C 128 4.79 9.11 -10.43
C GLU C 128 3.61 10.04 -10.62
N GLN C 129 3.62 11.14 -9.88
CA GLN C 129 2.47 12.05 -9.85
C GLN C 129 2.33 12.83 -11.14
N LEU C 130 3.45 13.32 -11.66
CA LEU C 130 3.45 14.08 -12.90
C LEU C 130 2.72 13.28 -13.96
N THR C 131 2.96 11.97 -13.94
CA THR C 131 2.27 11.02 -14.77
C THR C 131 0.75 11.20 -14.75
N SER C 132 0.22 11.76 -13.66
CA SER C 132 -1.23 11.87 -13.49
C SER C 132 -1.81 13.27 -13.79
N GLY C 133 -0.99 14.15 -14.35
CA GLY C 133 -1.48 15.48 -14.71
C GLY C 133 -1.59 16.44 -13.54
N GLY C 134 -0.99 16.06 -12.42
CA GLY C 134 -0.95 16.91 -11.23
C GLY C 134 0.46 17.05 -10.68
N ALA C 135 0.74 18.17 -10.03
CA ALA C 135 2.06 18.42 -9.47
C ALA C 135 2.01 19.04 -8.08
N SER C 136 2.66 18.39 -7.13
CA SER C 136 2.69 18.89 -5.76
C SER C 136 4.12 19.21 -5.36
N VAL C 137 4.39 20.48 -5.05
CA VAL C 137 5.72 20.88 -4.61
C VAL C 137 5.68 21.16 -3.11
N VAL C 138 6.58 20.53 -2.37
CA VAL C 138 6.53 20.60 -0.93
C VAL C 138 7.80 21.17 -0.30
N CYS C 139 7.62 22.24 0.46
CA CYS C 139 8.69 22.83 1.25
C CYS C 139 8.48 22.44 2.71
N PHE C 140 9.47 21.77 3.30
CA PHE C 140 9.33 21.27 4.66
C PHE C 140 10.28 21.95 5.63
N LEU C 141 9.72 22.72 6.56
CA LEU C 141 10.49 23.40 7.58
C LEU C 141 10.46 22.55 8.85
N ASN C 142 11.63 22.16 9.34
CA ASN C 142 11.71 21.18 10.41
C ASN C 142 12.28 21.72 11.71
N ASN C 143 11.59 21.46 12.81
CA ASN C 143 12.10 21.72 14.14
C ASN C 143 12.49 23.17 14.39
N PHE C 144 11.48 24.05 14.40
CA PHE C 144 11.69 25.47 14.69
C PHE C 144 10.80 25.93 15.85
N TYR C 145 11.14 27.08 16.42
CA TYR C 145 10.33 27.72 17.43
C TYR C 145 10.62 29.22 17.41
N PRO C 146 9.58 30.05 17.62
CA PRO C 146 8.17 29.77 17.93
C PRO C 146 7.42 29.15 16.76
N LYS C 147 6.11 28.96 16.94
CA LYS C 147 5.30 28.24 15.96
C LYS C 147 5.01 29.08 14.72
N ASP C 148 4.81 30.38 14.91
CA ASP C 148 4.52 31.26 13.80
C ASP C 148 5.66 31.27 12.80
N ILE C 149 5.33 31.09 11.52
CA ILE C 149 6.34 31.07 10.48
C ILE C 149 5.72 31.37 9.12
N ASN C 150 6.49 32.02 8.25
CA ASN C 150 5.99 32.42 6.94
C ASN C 150 6.71 31.70 5.80
N VAL C 151 5.96 31.34 4.77
CA VAL C 151 6.54 30.72 3.59
C VAL C 151 6.18 31.52 2.35
N LYS C 152 7.18 31.82 1.53
CA LYS C 152 6.94 32.52 0.27
C LYS C 152 7.43 31.64 -0.88
N TRP C 153 6.58 31.48 -1.89
CA TRP C 153 6.94 30.69 -3.06
C TRP C 153 7.24 31.59 -4.24
N LYS C 154 8.27 31.23 -4.99
CA LYS C 154 8.61 31.93 -6.21
C LYS C 154 8.67 30.96 -7.40
N ILE C 155 8.09 31.38 -8.50
CA ILE C 155 8.14 30.60 -9.74
C ILE C 155 8.79 31.44 -10.84
N ASP C 156 10.10 31.27 -11.01
CA ASP C 156 10.87 32.06 -11.96
C ASP C 156 10.99 33.52 -11.51
N GLY C 157 11.38 33.70 -10.25
CA GLY C 157 11.53 35.02 -9.67
C GLY C 157 10.24 35.65 -9.22
N SER C 158 9.12 35.22 -9.79
CA SER C 158 7.82 35.79 -9.47
C SER C 158 7.11 35.12 -8.29
N GLU C 159 6.73 35.94 -7.32
CA GLU C 159 6.00 35.50 -6.15
C GLU C 159 4.66 34.88 -6.57
N ARG C 160 4.40 33.68 -6.06
CA ARG C 160 3.18 32.95 -6.40
C ARG C 160 2.36 32.71 -5.13
N GLN C 161 1.08 33.07 -5.16
CA GLN C 161 0.25 32.97 -3.96
C GLN C 161 -0.81 31.88 -4.04
N ASN C 162 -1.48 31.76 -5.18
CA ASN C 162 -2.52 30.77 -5.34
C ASN C 162 -1.97 29.34 -5.26
N GLY C 163 -2.78 28.42 -4.79
CA GLY C 163 -2.41 27.02 -4.79
C GLY C 163 -1.55 26.54 -3.62
N VAL C 164 -1.39 27.40 -2.61
CA VAL C 164 -0.56 27.03 -1.47
C VAL C 164 -1.38 26.67 -0.24
N LEU C 165 -0.94 25.63 0.46
CA LEU C 165 -1.54 25.27 1.74
C LEU C 165 -0.43 24.93 2.72
N ASN C 166 -0.56 25.46 3.94
CA ASN C 166 0.40 25.19 5.01
C ASN C 166 -0.23 24.30 6.07
N SER C 167 0.62 23.62 6.84
CA SER C 167 0.12 22.69 7.85
C SER C 167 1.20 22.30 8.86
N TRP C 168 0.93 22.55 10.14
CA TRP C 168 1.91 22.28 11.16
C TRP C 168 1.78 20.90 11.78
N THR C 169 2.88 20.43 12.36
CA THR C 169 2.84 19.26 13.21
C THR C 169 2.55 19.75 14.61
N ASP C 170 2.19 18.83 15.50
CA ASP C 170 2.02 19.20 16.91
C ASP C 170 3.39 19.52 17.49
N GLN C 171 3.42 20.27 18.58
CA GLN C 171 4.70 20.58 19.22
C GLN C 171 5.37 19.27 19.66
N ASP C 172 6.68 19.18 19.51
CA ASP C 172 7.40 17.97 19.87
C ASP C 172 7.36 17.76 21.38
N SER C 173 7.15 16.53 21.78
CA SER C 173 7.03 16.18 23.19
C SER C 173 8.38 16.25 23.92
N LYS C 174 9.47 16.32 23.15
CA LYS C 174 10.80 16.17 23.74
C LYS C 174 11.64 17.45 23.67
N ASP C 175 11.58 18.17 22.56
CA ASP C 175 12.39 19.39 22.43
C ASP C 175 11.57 20.62 22.03
N SER C 176 10.25 20.53 22.21
CA SER C 176 9.36 21.68 22.10
C SER C 176 9.38 22.39 20.75
N THR C 177 9.88 21.71 19.72
CA THR C 177 9.95 22.30 18.40
C THR C 177 8.71 21.98 17.56
N TYR C 178 8.52 22.75 16.50
CA TYR C 178 7.45 22.52 15.55
C TYR C 178 8.04 22.21 14.19
N SER C 179 7.22 21.63 13.33
CA SER C 179 7.54 21.54 11.91
C SER C 179 6.28 21.83 11.13
N MET C 180 6.43 22.06 9.83
CA MET C 180 5.28 22.37 8.99
C MET C 180 5.61 22.13 7.53
N SER C 181 4.58 21.92 6.73
CA SER C 181 4.78 21.73 5.31
C SER C 181 4.06 22.84 4.57
N SER C 182 4.69 23.32 3.52
CA SER C 182 4.03 24.22 2.59
C SER C 182 3.93 23.48 1.26
N THR C 183 2.70 23.27 0.81
CA THR C 183 2.50 22.56 -0.44
C THR C 183 1.95 23.46 -1.54
N LEU C 184 2.63 23.49 -2.66
CA LEU C 184 2.15 24.19 -3.84
C LEU C 184 1.59 23.16 -4.81
N THR C 185 0.30 23.22 -5.07
CA THR C 185 -0.33 22.27 -5.97
C THR C 185 -0.58 22.91 -7.31
N LEU C 186 -0.05 22.27 -8.36
CA LEU C 186 -0.19 22.75 -9.72
C LEU C 186 -0.64 21.62 -10.61
N THR C 187 -1.18 21.95 -11.78
CA THR C 187 -1.42 20.93 -12.79
C THR C 187 -0.09 20.65 -13.47
N LYS C 188 0.01 19.52 -14.17
CA LYS C 188 1.22 19.20 -14.90
C LYS C 188 1.53 20.31 -15.92
N ASP C 189 0.48 20.82 -16.55
CA ASP C 189 0.62 21.90 -17.52
C ASP C 189 1.21 23.16 -16.89
N GLU C 190 0.61 23.60 -15.79
CA GLU C 190 1.13 24.75 -15.05
C GLU C 190 2.57 24.54 -14.62
N TYR C 191 2.85 23.38 -14.02
CA TYR C 191 4.18 23.04 -13.57
C TYR C 191 5.19 23.10 -14.71
N GLU C 192 4.79 22.61 -15.89
CA GLU C 192 5.68 22.54 -17.03
C GLU C 192 5.85 23.88 -17.77
N ARG C 193 5.05 24.87 -17.41
CA ARG C 193 5.15 26.19 -18.03
C ARG C 193 6.35 26.98 -17.52
N HIS C 194 7.02 26.46 -16.50
CA HIS C 194 8.10 27.20 -15.84
C HIS C 194 9.25 26.31 -15.39
N ASN C 195 10.33 26.92 -14.94
CA ASN C 195 11.54 26.17 -14.61
C ASN C 195 12.00 26.29 -13.16
N SER C 196 12.00 27.50 -12.63
CA SER C 196 12.55 27.73 -11.30
C SER C 196 11.47 27.67 -10.21
N TYR C 197 11.73 26.89 -9.16
CA TYR C 197 10.79 26.73 -8.06
C TYR C 197 11.50 26.94 -6.73
N THR C 198 10.99 27.88 -5.95
CA THR C 198 11.68 28.37 -4.78
C THR C 198 10.75 28.64 -3.62
N CYS C 199 11.17 28.28 -2.41
CA CYS C 199 10.45 28.69 -1.23
C CYS C 199 11.38 29.40 -0.26
N GLU C 200 10.88 30.47 0.35
CA GLU C 200 11.65 31.23 1.32
C GLU C 200 10.93 31.24 2.65
N ALA C 201 11.62 30.77 3.69
CA ALA C 201 11.02 30.73 5.02
C ALA C 201 11.51 31.90 5.86
N THR C 202 10.57 32.71 6.34
CA THR C 202 10.91 33.80 7.23
C THR C 202 10.50 33.49 8.67
N HIS C 203 11.47 33.52 9.56
CA HIS C 203 11.25 33.20 10.96
C HIS C 203 11.95 34.26 11.81
N LYS C 204 11.36 34.60 12.95
CA LYS C 204 11.88 35.67 13.78
C LYS C 204 13.33 35.46 14.18
N THR C 205 13.83 34.24 13.98
CA THR C 205 15.22 33.91 14.30
C THR C 205 16.20 34.48 13.28
N SER C 206 15.69 35.25 12.34
CA SER C 206 16.54 35.89 11.34
C SER C 206 15.78 36.91 10.49
N THR C 207 16.48 37.95 10.05
CA THR C 207 15.92 38.95 9.15
C THR C 207 16.01 38.47 7.71
N SER C 208 16.97 37.59 7.46
CA SER C 208 17.13 36.97 6.15
C SER C 208 16.34 35.67 6.06
N PRO C 209 15.50 35.53 5.02
CA PRO C 209 14.77 34.29 4.77
C PRO C 209 15.72 33.12 4.51
N ILE C 210 15.26 31.90 4.77
CA ILE C 210 16.03 30.72 4.38
C ILE C 210 15.50 30.19 3.05
N VAL C 211 16.37 30.15 2.04
CA VAL C 211 15.96 29.87 0.67
C VAL C 211 16.27 28.44 0.21
N LYS C 212 15.32 27.83 -0.50
CA LYS C 212 15.52 26.55 -1.14
C LYS C 212 14.95 26.56 -2.56
N SER C 213 15.74 26.06 -3.51
CA SER C 213 15.36 26.08 -4.92
C SER C 213 15.75 24.83 -5.69
N PHE C 214 15.09 24.67 -6.83
CA PHE C 214 15.49 23.69 -7.83
C PHE C 214 14.93 24.15 -9.16
N ASN C 215 15.55 23.69 -10.25
CA ASN C 215 15.04 23.97 -11.58
C ASN C 215 14.43 22.73 -12.19
N ARG C 216 13.19 22.84 -12.65
CA ARG C 216 12.47 21.69 -13.21
C ARG C 216 13.32 20.98 -14.28
N ASN C 217 14.03 21.76 -15.08
CA ASN C 217 14.80 21.22 -16.20
C ASN C 217 16.14 20.59 -15.79
N GLU C 218 16.33 20.36 -14.50
CA GLU C 218 17.55 19.71 -14.00
C GLU C 218 17.21 18.48 -13.16
N GLU D 1 -5.27 -5.63 33.92
CA GLU D 1 -5.15 -4.50 33.00
C GLU D 1 -6.49 -4.13 32.40
N VAL D 2 -6.93 -2.90 32.66
CA VAL D 2 -8.20 -2.42 32.13
C VAL D 2 -8.10 -2.06 30.66
N MET D 3 -8.91 -2.69 29.83
CA MET D 3 -8.95 -2.38 28.41
C MET D 3 -10.35 -1.96 27.96
N LEU D 4 -10.42 -0.83 27.26
CA LEU D 4 -11.63 -0.34 26.63
C LEU D 4 -11.38 -0.20 25.14
N VAL D 5 -12.29 -0.69 24.31
CA VAL D 5 -12.05 -0.70 22.87
C VAL D 5 -13.30 -0.38 22.07
N GLU D 6 -13.32 0.78 21.41
CA GLU D 6 -14.45 1.20 20.61
C GLU D 6 -14.36 0.68 19.18
N SER D 7 -15.52 0.32 18.62
CA SER D 7 -15.62 -0.14 17.24
C SER D 7 -16.92 0.36 16.65
N GLY D 8 -17.01 0.35 15.32
CA GLY D 8 -18.24 0.72 14.65
C GLY D 8 -18.13 2.02 13.86
N GLY D 9 -17.06 2.76 14.07
CA GLY D 9 -16.88 4.05 13.44
C GLY D 9 -16.80 3.97 11.93
N GLY D 10 -16.55 5.11 11.30
CA GLY D 10 -16.42 5.17 9.86
C GLY D 10 -17.27 6.24 9.21
N LEU D 11 -17.61 6.01 7.95
CA LEU D 11 -18.38 6.96 7.16
C LEU D 11 -19.88 6.60 7.15
N VAL D 12 -20.72 7.61 7.38
CA VAL D 12 -22.16 7.40 7.42
C VAL D 12 -22.91 8.58 6.82
N GLN D 13 -23.86 8.29 5.94
CA GLN D 13 -24.64 9.32 5.28
C GLN D 13 -25.58 9.96 6.28
N PRO D 14 -25.87 11.26 6.10
CA PRO D 14 -26.80 11.99 6.97
C PRO D 14 -28.14 11.28 7.11
N GLY D 15 -28.71 11.28 8.32
CA GLY D 15 -30.03 10.71 8.53
C GLY D 15 -30.02 9.25 8.92
N ASN D 16 -28.94 8.56 8.57
CA ASN D 16 -28.81 7.14 8.87
C ASN D 16 -28.50 6.84 10.32
N SER D 17 -28.54 5.56 10.67
CA SER D 17 -28.22 5.12 12.02
C SER D 17 -26.86 4.45 12.04
N LEU D 18 -26.27 4.41 13.23
CA LEU D 18 -25.04 3.68 13.45
C LEU D 18 -25.02 3.19 14.90
N ARG D 19 -24.55 1.98 15.11
CA ARG D 19 -24.33 1.52 16.47
C ARG D 19 -22.85 1.41 16.73
N LEU D 20 -22.40 2.04 17.80
CA LEU D 20 -21.02 1.89 18.23
C LEU D 20 -20.98 0.86 19.34
N SER D 21 -19.83 0.21 19.49
CA SER D 21 -19.68 -0.75 20.57
C SER D 21 -18.39 -0.49 21.34
N CYS D 22 -18.41 -0.81 22.63
CA CYS D 22 -17.25 -0.68 23.49
C CYS D 22 -16.95 -2.02 24.13
N ALA D 23 -15.85 -2.64 23.73
CA ALA D 23 -15.44 -3.90 24.31
C ALA D 23 -14.61 -3.63 25.56
N THR D 24 -14.98 -4.25 26.66
CA THR D 24 -14.30 -3.99 27.93
C THR D 24 -13.76 -5.28 28.57
N SER D 25 -12.62 -5.14 29.23
CA SER D 25 -12.00 -6.24 29.97
C SER D 25 -11.20 -5.67 31.14
N GLY D 26 -10.95 -6.50 32.13
CA GLY D 26 -10.05 -6.15 33.22
C GLY D 26 -10.70 -5.64 34.50
N PHE D 27 -12.02 -5.64 34.57
CA PHE D 27 -12.71 -5.19 35.77
C PHE D 27 -14.12 -5.76 35.82
N THR D 28 -14.79 -5.62 36.96
CA THR D 28 -16.16 -6.10 37.08
C THR D 28 -17.09 -5.12 36.38
N PHE D 29 -17.49 -5.47 35.17
CA PHE D 29 -18.25 -4.58 34.31
C PHE D 29 -19.51 -4.03 34.99
N THR D 30 -20.33 -4.95 35.52
CA THR D 30 -21.63 -4.57 36.06
C THR D 30 -21.52 -3.65 37.28
N ASP D 31 -20.29 -3.50 37.80
CA ASP D 31 -20.06 -2.69 38.99
C ASP D 31 -19.96 -1.23 38.62
N TYR D 32 -19.83 -0.94 37.34
CA TYR D 32 -19.51 0.41 36.91
C TYR D 32 -20.57 1.07 36.04
N TYR D 33 -20.80 2.36 36.30
CA TYR D 33 -21.47 3.22 35.35
C TYR D 33 -20.58 3.29 34.11
N MET D 34 -21.18 3.39 32.93
CA MET D 34 -20.40 3.57 31.71
C MET D 34 -20.86 4.83 30.96
N SER D 35 -19.92 5.70 30.61
CA SER D 35 -20.26 6.94 29.91
C SER D 35 -19.75 6.99 28.48
N TRP D 36 -20.51 7.65 27.62
CA TRP D 36 -20.05 7.96 26.28
C TRP D 36 -19.66 9.43 26.18
N VAL D 37 -18.58 9.70 25.45
CA VAL D 37 -18.10 11.06 25.24
C VAL D 37 -17.66 11.19 23.80
N ARG D 38 -18.02 12.28 23.15
CA ARG D 38 -17.56 12.50 21.79
C ARG D 38 -16.73 13.78 21.71
N GLN D 39 -15.97 13.91 20.63
CA GLN D 39 -15.10 15.05 20.43
C GLN D 39 -14.92 15.32 18.95
N PRO D 40 -15.58 16.37 18.45
CA PRO D 40 -15.36 16.71 17.04
C PRO D 40 -13.89 17.09 16.85
N PRO D 41 -13.35 16.85 15.65
CA PRO D 41 -11.94 17.20 15.43
C PRO D 41 -11.69 18.67 15.75
N GLY D 42 -10.66 18.93 16.57
CA GLY D 42 -10.24 20.28 16.89
C GLY D 42 -11.02 20.92 18.04
N LYS D 43 -12.11 20.29 18.44
CA LYS D 43 -13.02 20.88 19.43
C LYS D 43 -12.89 20.23 20.80
N ALA D 44 -13.88 20.49 21.66
CA ALA D 44 -13.85 20.08 23.06
C ALA D 44 -14.56 18.77 23.36
N LEU D 45 -14.28 18.21 24.53
CA LEU D 45 -14.97 17.00 25.00
C LEU D 45 -16.42 17.29 25.36
N GLU D 46 -17.32 16.46 24.86
CA GLU D 46 -18.73 16.63 25.19
C GLU D 46 -19.31 15.33 25.72
N TRP D 47 -19.71 15.34 26.98
CA TRP D 47 -20.40 14.19 27.55
C TRP D 47 -21.73 13.93 26.83
N LEU D 48 -21.97 12.68 26.44
CA LEU D 48 -23.17 12.34 25.68
C LEU D 48 -24.25 11.67 26.53
N GLY D 49 -23.82 10.84 27.48
CA GLY D 49 -24.75 10.13 28.34
C GLY D 49 -24.06 8.98 29.05
N PHE D 50 -24.76 8.39 30.02
CA PHE D 50 -24.24 7.21 30.67
C PHE D 50 -25.36 6.22 30.99
N ILE D 51 -24.95 5.01 31.35
CA ILE D 51 -25.84 4.00 31.86
C ILE D 51 -25.25 3.55 33.19
N ARG D 52 -26.11 3.35 34.19
CA ARG D 52 -25.68 3.06 35.55
C ARG D 52 -25.28 1.60 35.76
N ASN D 53 -24.80 1.29 36.96
CA ASN D 53 -24.37 -0.06 37.29
C ASN D 53 -25.55 -0.96 37.65
N LYS D 54 -25.27 -2.22 37.94
CA LYS D 54 -26.31 -3.19 38.27
C LYS D 54 -27.13 -2.77 39.49
N ALA D 55 -26.43 -2.31 40.53
CA ALA D 55 -27.08 -1.90 41.77
C ALA D 55 -28.14 -0.83 41.52
N LYS D 56 -27.85 0.09 40.60
CA LYS D 56 -28.79 1.16 40.30
C LYS D 56 -29.80 0.73 39.24
N GLY D 57 -29.63 -0.49 38.73
CA GLY D 57 -30.56 -1.02 37.75
C GLY D 57 -30.31 -0.58 36.32
N TYR D 58 -29.04 -0.33 35.98
CA TYR D 58 -28.64 0.03 34.62
C TYR D 58 -29.49 1.10 33.98
N THR D 59 -29.97 2.07 34.76
CA THR D 59 -30.80 3.10 34.18
C THR D 59 -29.98 4.05 33.32
N THR D 60 -30.66 4.83 32.48
CA THR D 60 -30.00 5.70 31.52
C THR D 60 -30.23 7.18 31.77
N GLU D 61 -29.27 8.00 31.31
CA GLU D 61 -29.41 9.45 31.27
C GLU D 61 -28.70 9.99 30.02
N TYR D 62 -29.15 11.13 29.52
CA TYR D 62 -28.58 11.70 28.29
C TYR D 62 -28.38 13.21 28.39
N SER D 63 -27.46 13.72 27.57
CA SER D 63 -27.31 15.15 27.42
C SER D 63 -28.41 15.66 26.50
N ALA D 64 -28.78 16.91 26.67
CA ALA D 64 -29.83 17.51 25.85
C ALA D 64 -29.51 17.33 24.37
N SER D 65 -28.25 17.55 24.02
CA SER D 65 -27.80 17.52 22.62
C SER D 65 -28.06 16.21 21.88
N VAL D 66 -28.29 15.12 22.62
CA VAL D 66 -28.60 13.84 21.99
C VAL D 66 -29.90 13.21 22.50
N LYS D 67 -30.53 13.86 23.48
CA LYS D 67 -31.78 13.37 24.03
C LYS D 67 -32.76 12.93 22.94
N GLY D 68 -33.25 11.71 23.05
CA GLY D 68 -34.25 11.20 22.12
C GLY D 68 -33.71 10.84 20.75
N ARG D 69 -32.39 10.90 20.60
CA ARG D 69 -31.77 10.59 19.31
C ARG D 69 -30.69 9.51 19.45
N PHE D 70 -29.93 9.57 20.54
CA PHE D 70 -28.93 8.55 20.86
C PHE D 70 -29.42 7.72 22.04
N THR D 71 -29.06 6.44 22.03
CA THR D 71 -29.45 5.51 23.08
C THR D 71 -28.24 4.72 23.58
N ILE D 72 -28.22 4.41 24.86
CA ILE D 72 -27.18 3.57 25.42
C ILE D 72 -27.75 2.24 25.93
N SER D 73 -27.03 1.16 25.66
CA SER D 73 -27.37 -0.14 26.21
C SER D 73 -26.09 -0.89 26.53
N ARG D 74 -26.19 -1.98 27.25
CA ARG D 74 -25.01 -2.74 27.64
C ARG D 74 -25.31 -4.23 27.72
N ASP D 75 -24.43 -5.04 27.14
CA ASP D 75 -24.52 -6.49 27.22
C ASP D 75 -23.68 -6.97 28.40
N ASN D 76 -24.34 -7.31 29.49
CA ASN D 76 -23.66 -7.64 30.73
C ASN D 76 -23.01 -9.03 30.74
N SER D 77 -23.37 -9.88 29.79
CA SER D 77 -22.76 -11.20 29.71
C SER D 77 -21.56 -11.22 28.75
N GLN D 78 -21.32 -10.12 28.06
CA GLN D 78 -20.15 -10.00 27.19
C GLN D 78 -19.27 -8.82 27.61
N SER D 79 -19.78 -8.03 28.57
CA SER D 79 -19.05 -6.87 29.06
C SER D 79 -18.88 -5.82 27.96
N ILE D 80 -19.93 -5.60 27.19
CA ILE D 80 -19.88 -4.63 26.10
C ILE D 80 -20.79 -3.43 26.34
N LEU D 81 -20.29 -2.24 26.01
CA LEU D 81 -21.11 -1.05 26.04
C LEU D 81 -21.53 -0.68 24.63
N TYR D 82 -22.73 -0.14 24.48
CA TYR D 82 -23.22 0.23 23.16
C TYR D 82 -23.64 1.68 23.11
N LEU D 83 -23.64 2.22 21.89
CA LEU D 83 -24.22 3.52 21.63
C LEU D 83 -25.02 3.46 20.34
N GLN D 84 -26.33 3.57 20.45
CA GLN D 84 -27.19 3.60 19.28
C GLN D 84 -27.41 5.05 18.85
N MET D 85 -27.02 5.37 17.62
CA MET D 85 -27.18 6.73 17.11
C MET D 85 -28.19 6.72 15.97
N ASN D 86 -29.14 7.64 16.01
CA ASN D 86 -30.15 7.77 14.96
C ASN D 86 -30.12 9.15 14.31
N THR D 87 -30.67 9.24 13.09
CA THR D 87 -30.82 10.54 12.42
C THR D 87 -29.57 11.40 12.57
N LEU D 88 -28.46 10.89 12.09
CA LEU D 88 -27.17 11.54 12.26
C LEU D 88 -27.01 12.76 11.35
N ARG D 89 -26.52 13.85 11.94
CA ARG D 89 -26.24 15.09 11.23
C ARG D 89 -24.74 15.28 11.15
N ALA D 90 -24.30 16.21 10.31
CA ALA D 90 -22.87 16.47 10.14
C ALA D 90 -22.18 16.90 11.43
N GLU D 91 -22.93 17.51 12.35
CA GLU D 91 -22.38 17.96 13.63
C GLU D 91 -22.16 16.79 14.59
N ASP D 92 -22.64 15.61 14.22
CA ASP D 92 -22.36 14.40 14.97
C ASP D 92 -21.00 13.85 14.59
N SER D 93 -20.37 14.45 13.59
CA SER D 93 -19.04 14.04 13.17
C SER D 93 -18.06 14.28 14.32
N ALA D 94 -17.47 13.20 14.82
CA ALA D 94 -16.62 13.30 15.99
C ALA D 94 -15.98 11.96 16.31
N THR D 95 -14.95 12.00 17.14
CA THR D 95 -14.41 10.80 17.74
C THR D 95 -15.29 10.45 18.93
N TYR D 96 -15.67 9.18 19.06
CA TYR D 96 -16.52 8.77 20.17
C TYR D 96 -15.78 7.87 21.15
N TYR D 97 -15.68 8.33 22.40
CA TYR D 97 -15.01 7.58 23.44
C TYR D 97 -16.02 6.96 24.37
N CYS D 98 -15.86 5.67 24.63
CA CYS D 98 -16.55 5.08 25.77
C CYS D 98 -15.59 5.26 26.94
N ALA D 99 -16.12 5.34 28.15
CA ALA D 99 -15.26 5.51 29.32
C ALA D 99 -15.89 4.92 30.56
N ARG D 100 -15.09 4.26 31.37
CA ARG D 100 -15.57 3.68 32.61
C ARG D 100 -15.89 4.80 33.60
N ASP D 101 -17.15 4.85 34.02
CA ASP D 101 -17.60 5.85 34.97
C ASP D 101 -17.42 5.33 36.40
N ILE D 102 -18.17 5.88 37.34
CA ILE D 102 -18.02 5.54 38.75
C ILE D 102 -18.55 4.15 39.11
N SER D 103 -18.10 3.65 40.25
CA SER D 103 -18.68 2.46 40.85
C SER D 103 -18.92 2.74 42.33
N PRO D 104 -20.09 3.32 42.64
CA PRO D 104 -20.39 3.82 43.98
C PRO D 104 -20.90 2.73 44.91
N SER D 105 -21.20 1.56 44.35
CA SER D 105 -21.93 0.54 45.09
C SER D 105 -21.04 -0.55 45.66
N TYR D 106 -19.88 -0.76 45.05
CA TYR D 106 -18.99 -1.82 45.49
C TYR D 106 -17.54 -1.53 45.09
N GLY D 107 -16.62 -1.82 46.01
CA GLY D 107 -15.22 -1.58 45.75
C GLY D 107 -14.88 -0.12 45.87
N VAL D 108 -13.85 0.31 45.14
CA VAL D 108 -13.39 1.68 45.23
C VAL D 108 -14.31 2.65 44.50
N TYR D 109 -14.83 3.63 45.25
CA TYR D 109 -15.62 4.69 44.64
C TYR D 109 -14.91 6.03 44.71
N TYR D 110 -14.70 6.62 43.54
CA TYR D 110 -14.38 8.04 43.45
C TYR D 110 -14.96 8.63 42.19
N GLU D 111 -15.18 9.95 42.20
CA GLU D 111 -15.86 10.60 41.08
C GLU D 111 -14.93 10.99 39.93
N GLY D 112 -14.67 10.05 39.03
CA GLY D 112 -13.84 10.30 37.87
C GLY D 112 -13.86 9.16 36.87
N PHE D 113 -13.51 9.46 35.63
CA PHE D 113 -13.42 8.44 34.58
C PHE D 113 -12.00 7.91 34.55
N ALA D 114 -11.76 6.81 35.25
CA ALA D 114 -10.41 6.25 35.40
C ALA D 114 -9.79 5.70 34.11
N TYR D 115 -10.64 5.27 33.17
CA TYR D 115 -10.15 4.68 31.92
C TYR D 115 -10.98 5.08 30.70
N TRP D 116 -10.31 5.27 29.57
CA TRP D 116 -10.98 5.60 28.32
C TRP D 116 -10.51 4.64 27.24
N GLY D 117 -11.31 4.52 26.17
CA GLY D 117 -10.87 3.78 25.01
C GLY D 117 -10.03 4.66 24.10
N GLN D 118 -9.53 4.09 23.02
CA GLN D 118 -8.73 4.85 22.07
C GLN D 118 -9.66 5.68 21.19
N GLY D 119 -10.94 5.33 21.20
CA GLY D 119 -11.95 6.06 20.47
C GLY D 119 -12.05 5.70 18.99
N THR D 120 -13.27 5.72 18.46
CA THR D 120 -13.50 5.49 17.04
C THR D 120 -14.05 6.77 16.39
N LEU D 121 -13.50 7.12 15.23
CA LEU D 121 -13.94 8.31 14.52
C LEU D 121 -15.22 8.06 13.72
N VAL D 122 -16.22 8.91 13.95
CA VAL D 122 -17.44 8.87 13.17
C VAL D 122 -17.51 10.14 12.34
N THR D 123 -17.63 10.00 11.03
CA THR D 123 -17.79 11.16 10.18
C THR D 123 -19.04 11.04 9.33
N VAL D 124 -19.97 11.98 9.53
CA VAL D 124 -21.24 11.99 8.81
C VAL D 124 -21.14 12.89 7.58
N SER D 125 -21.19 12.28 6.40
CA SER D 125 -21.07 13.06 5.17
C SER D 125 -21.75 12.39 3.99
N ALA D 126 -22.34 13.21 3.13
CA ALA D 126 -23.04 12.70 1.94
C ALA D 126 -22.07 12.17 0.90
N ALA D 127 -20.78 12.28 1.18
CA ALA D 127 -19.74 11.94 0.22
C ALA D 127 -19.52 10.43 0.03
N THR D 128 -18.43 10.09 -0.66
CA THR D 128 -18.06 8.71 -0.90
C THR D 128 -16.68 8.42 -0.32
N THR D 129 -16.46 7.18 0.11
CA THR D 129 -15.15 6.75 0.57
C THR D 129 -14.19 6.65 -0.61
N THR D 130 -13.04 7.29 -0.51
CA THR D 130 -11.98 7.12 -1.50
C THR D 130 -10.62 6.87 -0.84
N ALA D 131 -9.89 5.91 -1.38
CA ALA D 131 -8.59 5.52 -0.83
C ALA D 131 -7.48 6.49 -1.25
N PRO D 132 -6.44 6.62 -0.43
CA PRO D 132 -5.40 7.62 -0.71
C PRO D 132 -4.46 7.21 -1.84
N SER D 133 -3.99 8.19 -2.58
CA SER D 133 -2.83 8.02 -3.45
C SER D 133 -1.61 8.43 -2.64
N VAL D 134 -0.49 7.74 -2.85
CA VAL D 134 0.71 8.02 -2.07
C VAL D 134 1.90 8.28 -2.97
N TYR D 135 2.49 9.46 -2.81
CA TYR D 135 3.65 9.84 -3.59
C TYR D 135 4.88 9.93 -2.71
N PRO D 136 6.06 9.78 -3.32
CA PRO D 136 7.32 9.89 -2.58
C PRO D 136 7.72 11.35 -2.41
N LEU D 137 8.40 11.63 -1.31
CA LEU D 137 9.06 12.92 -1.10
C LEU D 137 10.56 12.69 -1.02
N VAL D 138 11.25 13.02 -2.11
CA VAL D 138 12.69 12.81 -2.19
C VAL D 138 13.41 14.03 -2.75
N PRO D 139 14.65 14.24 -2.32
CA PRO D 139 15.50 15.33 -2.82
C PRO D 139 15.57 15.36 -4.35
N GLY D 140 15.74 16.55 -4.91
CA GLY D 140 15.83 16.70 -6.35
C GLY D 140 17.22 16.49 -6.92
N GLY D 146 23.81 15.70 2.13
CA GLY D 146 24.22 16.17 3.43
C GLY D 146 24.77 15.05 4.29
N SER D 147 24.76 15.25 5.61
CA SER D 147 25.16 14.21 6.55
C SER D 147 23.95 13.36 6.90
N SER D 148 22.79 14.00 6.90
CA SER D 148 21.53 13.30 7.06
C SER D 148 20.65 13.66 5.87
N VAL D 149 19.50 13.03 5.77
CA VAL D 149 18.56 13.31 4.69
C VAL D 149 17.12 13.13 5.15
N THR D 150 16.23 13.96 4.61
CA THR D 150 14.83 13.95 4.99
C THR D 150 13.94 13.44 3.86
N LEU D 151 13.33 12.28 4.09
CA LEU D 151 12.42 11.69 3.12
C LEU D 151 10.98 11.84 3.58
N GLY D 152 10.04 11.41 2.74
CA GLY D 152 8.64 11.40 3.13
C GLY D 152 7.70 10.74 2.15
N CYS D 153 6.46 10.56 2.58
CA CYS D 153 5.38 10.23 1.66
C CYS D 153 4.29 11.28 1.72
N LEU D 154 3.84 11.70 0.56
CA LEU D 154 2.70 12.60 0.43
C LEU D 154 1.44 11.76 0.21
N VAL D 155 0.55 11.76 1.19
CA VAL D 155 -0.69 11.00 1.13
C VAL D 155 -1.84 11.92 0.78
N LYS D 156 -2.54 11.67 -0.32
CA LYS D 156 -3.60 12.58 -0.72
C LYS D 156 -4.81 11.96 -1.42
N GLY D 157 -5.90 12.73 -1.45
CA GLY D 157 -7.10 12.34 -2.17
C GLY D 157 -7.95 11.33 -1.43
N TYR D 158 -7.77 11.21 -0.12
CA TYR D 158 -8.55 10.24 0.64
C TYR D 158 -9.71 10.86 1.38
N PHE D 159 -10.66 10.01 1.75
CA PHE D 159 -11.86 10.41 2.47
C PHE D 159 -12.62 9.16 2.91
N PRO D 160 -13.03 9.13 4.18
CA PRO D 160 -12.80 10.23 5.11
C PRO D 160 -11.51 9.99 5.88
N GLU D 161 -11.35 10.67 7.00
CA GLU D 161 -10.22 10.41 7.88
C GLU D 161 -10.48 9.15 8.69
N PRO D 162 -9.44 8.58 9.31
CA PRO D 162 -8.06 9.06 9.25
C PRO D 162 -7.22 8.16 8.37
N VAL D 163 -6.00 8.61 8.07
CA VAL D 163 -4.96 7.70 7.61
C VAL D 163 -3.90 7.67 8.70
N THR D 164 -3.26 6.53 8.89
CA THR D 164 -2.13 6.44 9.80
C THR D 164 -0.87 6.16 8.99
N VAL D 165 0.22 6.82 9.34
CA VAL D 165 1.49 6.57 8.67
C VAL D 165 2.54 6.07 9.64
N LYS D 166 3.26 5.04 9.26
CA LYS D 166 4.39 4.55 10.04
C LYS D 166 5.59 4.40 9.14
N TRP D 167 6.75 4.15 9.74
CA TRP D 167 7.98 4.01 8.96
C TRP D 167 8.74 2.73 9.31
N ASN D 168 9.11 1.99 8.27
CA ASN D 168 9.72 0.67 8.44
C ASN D 168 8.96 -0.15 9.48
N TYR D 169 7.64 -0.22 9.30
CA TYR D 169 6.75 -1.00 10.17
C TYR D 169 6.75 -0.54 11.63
N GLY D 170 7.08 0.72 11.86
CA GLY D 170 7.15 1.25 13.21
C GLY D 170 8.54 1.20 13.80
N ALA D 171 9.50 0.66 13.04
CA ALA D 171 10.89 0.63 13.48
C ALA D 171 11.46 2.03 13.55
N LEU D 172 11.18 2.83 12.52
CA LEU D 172 11.57 4.23 12.49
C LEU D 172 10.54 5.14 13.13
N SER D 173 10.79 5.52 14.39
CA SER D 173 9.87 6.40 15.10
C SER D 173 10.48 7.78 15.39
N SER D 174 11.70 7.80 15.90
CA SER D 174 12.33 9.04 16.30
C SER D 174 12.67 9.89 15.08
N GLY D 175 12.26 11.14 15.12
CA GLY D 175 12.49 12.04 14.00
C GLY D 175 11.44 11.88 12.92
N VAL D 176 10.26 11.40 13.31
CA VAL D 176 9.15 11.32 12.38
C VAL D 176 8.27 12.55 12.53
N ARG D 177 7.91 13.16 11.40
CA ARG D 177 7.10 14.36 11.43
C ARG D 177 5.95 14.24 10.46
N THR D 178 4.74 14.20 10.99
CA THR D 178 3.53 14.10 10.18
C THR D 178 2.62 15.28 10.48
N VAL D 179 2.41 16.13 9.48
CA VAL D 179 1.59 17.32 9.66
C VAL D 179 0.12 16.96 9.72
N SER D 180 -0.70 17.86 10.24
CA SER D 180 -2.12 17.61 10.31
C SER D 180 -2.67 17.58 8.89
N SER D 181 -3.74 16.84 8.68
CA SER D 181 -4.37 16.77 7.36
C SER D 181 -4.93 18.11 6.94
N VAL D 182 -5.25 18.25 5.66
CA VAL D 182 -5.97 19.42 5.17
C VAL D 182 -7.07 18.99 4.21
N LEU D 183 -8.27 19.49 4.45
CA LEU D 183 -9.38 19.25 3.55
C LEU D 183 -9.38 20.29 2.44
N GLN D 184 -9.27 19.84 1.20
CA GLN D 184 -9.50 20.70 0.05
C GLN D 184 -10.24 19.96 -1.06
N SER D 185 -11.18 20.64 -1.68
CA SER D 185 -12.00 20.04 -2.73
C SER D 185 -12.55 18.67 -2.31
N GLY D 186 -12.96 18.57 -1.05
CA GLY D 186 -13.59 17.37 -0.54
C GLY D 186 -12.67 16.17 -0.37
N PHE D 187 -11.36 16.41 -0.37
CA PHE D 187 -10.41 15.33 -0.14
C PHE D 187 -9.39 15.73 0.91
N TYR D 188 -8.88 14.73 1.62
CA TYR D 188 -7.85 14.96 2.63
C TYR D 188 -6.47 14.60 2.11
N SER D 189 -5.46 15.23 2.70
CA SER D 189 -4.08 14.94 2.36
C SER D 189 -3.16 15.44 3.45
N LEU D 190 -2.04 14.74 3.60
CA LEU D 190 -1.04 15.11 4.58
C LEU D 190 0.27 14.51 4.14
N SER D 191 1.36 15.00 4.71
CA SER D 191 2.67 14.44 4.43
C SER D 191 3.31 13.97 5.73
N SER D 192 4.07 12.89 5.62
CA SER D 192 4.85 12.38 6.74
C SER D 192 6.31 12.33 6.32
N LEU D 193 7.19 12.89 7.16
CA LEU D 193 8.60 12.90 6.83
C LEU D 193 9.44 12.34 7.97
N VAL D 194 10.60 11.81 7.61
CA VAL D 194 11.55 11.29 8.58
C VAL D 194 12.98 11.61 8.13
N THR D 195 13.88 11.75 9.11
CA THR D 195 15.28 12.02 8.81
C THR D 195 16.16 10.85 9.21
N VAL D 196 17.01 10.42 8.30
CA VAL D 196 17.96 9.35 8.58
C VAL D 196 19.35 9.77 8.12
N PRO D 197 20.40 9.15 8.69
CA PRO D 197 21.75 9.38 8.19
C PRO D 197 21.84 8.96 6.73
N SER D 198 22.60 9.73 5.93
CA SER D 198 22.73 9.43 4.50
C SER D 198 23.56 8.19 4.24
N SER D 199 24.10 7.60 5.31
CA SER D 199 24.84 6.35 5.22
C SER D 199 23.88 5.17 5.22
N THR D 200 22.62 5.44 5.54
CA THR D 200 21.59 4.42 5.62
C THR D 200 20.77 4.39 4.34
N TRP D 201 20.58 5.56 3.74
CA TRP D 201 19.78 5.67 2.53
C TRP D 201 20.66 6.10 1.37
N PRO D 202 20.52 5.41 0.21
CA PRO D 202 19.58 4.32 -0.03
C PRO D 202 20.17 2.93 0.24
N SER D 203 21.31 2.89 0.94
CA SER D 203 22.00 1.62 1.20
C SER D 203 21.07 0.60 1.85
N GLN D 204 20.12 1.10 2.64
CA GLN D 204 19.10 0.26 3.27
C GLN D 204 17.72 0.68 2.80
N THR D 205 16.77 -0.25 2.86
CA THR D 205 15.41 0.03 2.43
C THR D 205 14.70 0.97 3.40
N VAL D 206 13.95 1.92 2.84
CA VAL D 206 13.10 2.80 3.63
C VAL D 206 11.65 2.76 3.12
N ILE D 207 10.74 2.42 4.02
CA ILE D 207 9.34 2.27 3.68
C ILE D 207 8.45 3.04 4.64
N CYS D 208 7.41 3.67 4.10
CA CYS D 208 6.35 4.22 4.94
C CYS D 208 5.12 3.32 4.86
N ASN D 209 4.52 3.03 6.01
CA ASN D 209 3.29 2.26 6.08
C ASN D 209 2.08 3.16 6.17
N VAL D 210 1.22 3.09 5.16
CA VAL D 210 0.03 3.93 5.12
C VAL D 210 -1.23 3.09 5.23
N ALA D 211 -2.06 3.42 6.22
CA ALA D 211 -3.32 2.70 6.46
C ALA D 211 -4.51 3.63 6.37
N HIS D 212 -5.52 3.22 5.62
CA HIS D 212 -6.75 3.97 5.53
C HIS D 212 -7.95 3.08 5.79
N PRO D 213 -8.31 2.93 7.07
CA PRO D 213 -9.32 1.99 7.56
C PRO D 213 -10.64 2.01 6.77
N ALA D 214 -11.16 3.20 6.48
CA ALA D 214 -12.46 3.31 5.83
C ALA D 214 -12.47 2.65 4.45
N SER D 215 -11.30 2.56 3.83
CA SER D 215 -11.18 1.93 2.53
C SER D 215 -10.48 0.59 2.67
N LYS D 216 -10.23 0.20 3.91
CA LYS D 216 -9.54 -1.05 4.21
C LYS D 216 -8.23 -1.11 3.44
N THR D 217 -7.54 0.01 3.37
CA THR D 217 -6.25 0.07 2.68
C THR D 217 -5.08 -0.13 3.64
N GLU D 218 -4.22 -1.08 3.27
CA GLU D 218 -2.99 -1.39 3.99
C GLU D 218 -1.83 -1.31 3.00
N LEU D 219 -1.12 -0.19 3.00
CA LEU D 219 -0.16 0.09 1.95
C LEU D 219 1.27 0.22 2.45
N ILE D 220 2.22 -0.32 1.69
CA ILE D 220 3.63 -0.08 1.96
C ILE D 220 4.27 0.56 0.73
N LYS D 221 5.02 1.63 0.96
CA LYS D 221 5.59 2.41 -0.13
C LYS D 221 7.10 2.51 0.08
N ARG D 222 7.87 1.90 -0.82
CA ARG D 222 9.31 2.00 -0.70
C ARG D 222 9.79 3.30 -1.36
N ILE D 223 10.64 4.03 -0.65
CA ILE D 223 11.08 5.36 -1.10
C ILE D 223 12.45 5.32 -1.77
N GLU D 224 12.45 5.49 -3.08
CA GLU D 224 13.69 5.40 -3.85
C GLU D 224 14.15 6.77 -4.34
N PRO D 225 15.46 7.00 -4.38
CA PRO D 225 16.04 8.24 -4.93
C PRO D 225 15.54 8.53 -6.33
N ARG D 226 15.35 9.81 -6.65
CA ARG D 226 14.94 10.21 -7.98
C ARG D 226 15.88 9.61 -9.03
C1 KME E . 39.83 -11.56 -31.80
C2 KME E . 39.49 -13.04 -31.68
O2 KME E . 39.25 -13.58 -32.98
C3 KME E . 40.67 -13.80 -31.03
C4 KME E . 40.31 -15.28 -30.94
O4 KME E . 41.39 -16.04 -30.38
C5 KME E . 39.05 -15.41 -30.08
O5 KME E . 39.29 -14.92 -28.76
C6 KME E . 37.91 -14.62 -30.75
O6 KME E . 38.29 -13.23 -30.89
C7 KME E . 36.63 -14.74 -29.90
O7 KME E . 36.37 -16.12 -29.60
C8 KME E . 35.54 -14.00 -30.73
O8 KME E . 34.27 -14.07 -30.09
C9 KME E . 35.28 -16.25 -28.68
C10 KME E . 38.15 -12.86 -33.57
C11 KME E . 37.72 -13.16 -34.85
C12 KME E . 38.37 -14.16 -35.55
O1A KME E . 39.52 -10.83 -30.84
O1B KME E . 40.41 -11.20 -32.84
C1 KDO E . 33.37 -11.87 -30.78
O1A KDO E . 33.87 -11.37 -29.75
O1B KDO E . 32.94 -11.24 -31.77
C2 KDO E . 33.20 -13.39 -30.80
C3 KDO E . 31.89 -13.68 -30.05
C4 KDO E . 31.66 -15.18 -30.05
O4 KDO E . 30.45 -15.49 -29.36
C5 KDO E . 31.56 -15.64 -31.50
O5 KDO E . 30.48 -14.95 -32.13
C6 KDO E . 32.84 -15.33 -32.26
O6 KDO E . 33.12 -13.89 -32.17
C7 KDO E . 32.75 -15.80 -33.73
O7 KDO E . 32.27 -17.14 -33.79
C8 KDO E . 34.06 -15.65 -34.51
O8 KDO E . 34.49 -14.30 -34.54
C1 KME F . -30.04 6.61 44.04
C2 KME F . -29.00 7.38 44.86
O2 KME F . -29.47 8.68 45.21
C3 KME F . -28.71 6.65 46.18
C4 KME F . -27.64 7.46 46.94
O4 KME F . -27.34 6.83 48.19
C5 KME F . -26.40 7.51 46.05
O5 KME F . -25.87 6.20 45.82
C6 KME F . -26.75 8.20 44.72
O6 KME F . -27.83 7.52 44.05
C7 KME F . -25.56 8.31 43.71
O7 KME F . -24.19 8.68 44.07
C8 KME F . -26.13 9.21 42.62
O8 KME F . -25.04 9.32 41.72
C9 KME F . -23.52 7.69 44.85
C10 KME F . -30.86 8.67 45.63
C11 KME F . -31.37 7.94 46.70
C12 KME F . -32.73 8.02 47.00
O1A KME F . -30.08 6.85 42.81
O1B KME F . -30.80 5.82 44.64
C1 KDO F . -26.48 9.52 39.77
O1A KDO F . -27.19 10.30 39.10
O1B KDO F . -26.62 8.28 39.82
C2 KDO F . -25.33 10.14 40.59
C3 KDO F . -24.07 10.14 39.71
C4 KDO F . -22.93 10.70 40.54
O4 KDO F . -21.73 10.72 39.74
C5 KDO F . -23.29 12.12 40.95
O5 KDO F . -23.49 12.91 39.77
C6 KDO F . -24.57 12.11 41.79
O6 KDO F . -25.65 11.49 41.03
C7 KDO F . -24.95 13.55 42.22
O7 KDO F . -23.84 14.16 42.91
C8 KDO F . -26.19 13.63 43.10
O8 KDO F . -27.32 13.15 42.37
MG MG G . 34.20 -4.10 -32.45
MG MG H . -32.82 7.57 36.88
#